data_5CSS
#
_entry.id   5CSS
#
_cell.length_a   72.633
_cell.length_b   84.079
_cell.length_c   143.539
_cell.angle_alpha   90.00
_cell.angle_beta   90.00
_cell.angle_gamma   90.00
#
_symmetry.space_group_name_H-M   'P 21 21 21'
#
loop_
_entity.id
_entity.type
_entity.pdbx_description
1 polymer 'Triosephosphate isomerase'
2 non-polymer SN-GLYCEROL-3-PHOSPHATE
3 non-polymer 'CHLORIDE ION'
4 water water
#
_entity_poly.entity_id   1
_entity_poly.type   'polypeptide(L)'
_entity_poly.pdbx_seq_one_letter_code
;MDMYTAIVNLKTYREATGANFTRFMEKFEPVQGKFELIFSPSLLDLEKAAKCGKFRFFAQHVDAEPYGAYTGHVPMDMMI
DLGITGSILNHSERRLPRDTIINTLKKASKLDFTIVLCVENAEEAKYFREYEPDFIAYEPRDLIGGDVSVSTAKPEIIED
IVKIYEGTGTSVLVGAGIKTGEDVRRSIGLGARGILVASGVVKSADPTKSLNSLIELKLEHHHHHH
;
_entity_poly.pdbx_strand_id   A,B,C,D
#
loop_
_chem_comp.id
_chem_comp.type
_chem_comp.name
_chem_comp.formula
CL non-polymer 'CHLORIDE ION' 'Cl -1'
G3P non-polymer SN-GLYCEROL-3-PHOSPHATE 'C3 H9 O6 P'
#
# COMPACT_ATOMS: atom_id res chain seq x y z
N MET A 3 -26.92 -1.42 -19.91
CA MET A 3 -27.85 -2.59 -20.04
C MET A 3 -27.17 -3.96 -20.26
N TYR A 4 -25.96 -3.97 -20.83
CA TYR A 4 -25.13 -5.19 -20.89
C TYR A 4 -23.95 -5.15 -19.91
N THR A 5 -23.39 -6.33 -19.63
CA THR A 5 -22.27 -6.47 -18.71
C THR A 5 -21.09 -7.14 -19.39
N ALA A 6 -19.91 -6.61 -19.15
CA ALA A 6 -18.68 -7.21 -19.63
C ALA A 6 -17.77 -7.41 -18.45
N ILE A 7 -17.38 -8.66 -18.27
CA ILE A 7 -16.47 -9.05 -17.21
C ILE A 7 -15.13 -9.47 -17.76
N VAL A 8 -14.10 -8.79 -17.31
CA VAL A 8 -12.72 -9.10 -17.69
C VAL A 8 -12.02 -9.86 -16.55
N ASN A 9 -11.82 -11.15 -16.79
CA ASN A 9 -11.30 -12.05 -15.77
C ASN A 9 -9.81 -12.13 -15.95
N LEU A 10 -9.08 -11.63 -14.97
CA LEU A 10 -7.61 -11.54 -15.07
C LEU A 10 -6.94 -12.84 -14.66
N LYS A 11 -7.74 -13.74 -14.11
CA LYS A 11 -7.28 -15.06 -13.70
C LYS A 11 -6.02 -14.91 -12.86
N THR A 12 -5.01 -15.69 -13.13
CA THR A 12 -3.70 -15.52 -12.47
C THR A 12 -2.62 -15.25 -13.57
N TYR A 13 -3.00 -14.48 -14.58
CA TYR A 13 -2.06 -14.21 -15.67
C TYR A 13 -0.95 -13.28 -15.19
N ARG A 14 0.25 -13.59 -15.58
CA ARG A 14 1.42 -12.81 -15.18
C ARG A 14 1.31 -11.33 -15.50
N GLU A 15 0.74 -11.00 -16.66
CA GLU A 15 0.62 -9.61 -17.11
C GLU A 15 -0.30 -8.76 -16.22
N ALA A 16 -1.24 -9.40 -15.53
CA ALA A 16 -2.24 -8.63 -14.79
C ALA A 16 -2.36 -8.98 -13.32
N THR A 17 -1.35 -9.62 -12.80
CA THR A 17 -1.35 -9.99 -11.36
C THR A 17 -0.07 -9.56 -10.66
N GLY A 18 -0.13 -9.54 -9.33
CA GLY A 18 1.05 -9.19 -8.51
C GLY A 18 1.49 -7.76 -8.71
N ALA A 19 2.79 -7.57 -8.94
CA ALA A 19 3.34 -6.20 -9.17
C ALA A 19 2.78 -5.58 -10.44
N ASN A 20 2.42 -6.45 -11.37
CA ASN A 20 1.87 -6.01 -12.63
C ASN A 20 0.44 -5.51 -12.59
N PHE A 21 -0.28 -5.83 -11.52
CA PHE A 21 -1.71 -5.50 -11.47
C PHE A 21 -1.94 -4.00 -11.71
N THR A 22 -1.23 -3.19 -10.94
CA THR A 22 -1.43 -1.74 -11.00
C THR A 22 -1.09 -1.21 -12.37
N ARG A 23 0.04 -1.63 -12.88
CA ARG A 23 0.45 -1.10 -14.20
C ARG A 23 -0.46 -1.62 -15.31
N PHE A 24 -0.98 -2.84 -15.17
CA PHE A 24 -1.95 -3.36 -16.17
C PHE A 24 -3.24 -2.51 -16.15
N MET A 25 -3.75 -2.24 -14.97
CA MET A 25 -5.02 -1.49 -14.85
C MET A 25 -4.81 -0.01 -15.29
N GLU A 26 -3.63 0.50 -15.03
CA GLU A 26 -3.30 1.91 -15.25
C GLU A 26 -3.67 2.26 -16.68
N LYS A 27 -3.61 1.29 -17.59
CA LYS A 27 -3.86 1.52 -19.00
C LYS A 27 -5.30 1.61 -19.44
N PHE A 28 -6.23 1.35 -18.55
CA PHE A 28 -7.64 1.39 -18.92
C PHE A 28 -8.30 2.67 -18.43
N GLU A 29 -9.38 3.05 -19.09
CA GLU A 29 -10.16 4.20 -18.66
C GLU A 29 -11.59 3.77 -18.55
N PRO A 30 -12.36 4.43 -17.65
CA PRO A 30 -13.76 4.04 -17.54
C PRO A 30 -14.44 4.20 -18.85
N VAL A 31 -15.56 3.51 -18.99
CA VAL A 31 -16.28 3.45 -20.24
C VAL A 31 -17.75 3.84 -20.02
N GLN A 32 -18.26 4.59 -20.98
CA GLN A 32 -19.68 4.88 -21.10
C GLN A 32 -20.09 4.24 -22.41
N GLY A 33 -21.16 3.47 -22.33
CA GLY A 33 -21.64 2.73 -23.47
C GLY A 33 -22.74 1.83 -22.99
N LYS A 34 -23.03 0.82 -23.78
CA LYS A 34 -24.08 -0.12 -23.37
C LYS A 34 -23.58 -1.12 -22.31
N PHE A 35 -22.26 -1.21 -22.14
CA PHE A 35 -21.65 -2.21 -21.25
C PHE A 35 -21.22 -1.69 -19.89
N GLU A 36 -21.82 -2.23 -18.83
CA GLU A 36 -21.21 -2.10 -17.52
C GLU A 36 -19.93 -2.96 -17.47
N LEU A 37 -18.81 -2.29 -17.23
CA LEU A 37 -17.51 -2.94 -17.14
C LEU A 37 -17.14 -3.42 -15.70
N ILE A 38 -16.78 -4.70 -15.57
CA ILE A 38 -16.33 -5.28 -14.30
C ILE A 38 -15.02 -6.01 -14.52
N PHE A 39 -14.05 -5.82 -13.63
CA PHE A 39 -12.80 -6.59 -13.70
C PHE A 39 -12.76 -7.57 -12.52
N SER A 40 -12.12 -8.70 -12.76
CA SER A 40 -11.95 -9.76 -11.71
C SER A 40 -10.51 -10.06 -11.42
N PRO A 41 -9.94 -9.39 -10.40
CA PRO A 41 -8.54 -9.57 -10.11
C PRO A 41 -8.33 -10.83 -9.33
N SER A 42 -7.07 -11.26 -9.27
CA SER A 42 -6.72 -12.47 -8.55
C SER A 42 -6.98 -12.19 -7.07
N LEU A 43 -7.19 -13.26 -6.28
CA LEU A 43 -7.46 -13.10 -4.84
C LEU A 43 -6.33 -12.32 -4.11
N LEU A 44 -5.09 -12.57 -4.48
CA LEU A 44 -3.94 -11.84 -3.84
C LEU A 44 -3.90 -10.33 -4.11
N ASP A 45 -4.62 -9.90 -5.14
CA ASP A 45 -4.63 -8.53 -5.60
C ASP A 45 -5.88 -7.79 -5.24
N LEU A 46 -6.83 -8.49 -4.63
CA LEU A 46 -8.17 -7.95 -4.50
C LEU A 46 -8.27 -6.76 -3.55
N GLU A 47 -7.51 -6.78 -2.50
CA GLU A 47 -7.53 -5.67 -1.51
C GLU A 47 -6.97 -4.37 -2.15
N LYS A 48 -5.86 -4.52 -2.83
CA LYS A 48 -5.26 -3.46 -3.64
C LYS A 48 -6.30 -2.88 -4.62
N ALA A 49 -6.98 -3.75 -5.36
CA ALA A 49 -7.98 -3.33 -6.32
C ALA A 49 -9.04 -2.56 -5.62
N ALA A 50 -9.49 -3.10 -4.51
CA ALA A 50 -10.64 -2.50 -3.81
C ALA A 50 -10.30 -1.09 -3.27
N LYS A 51 -9.07 -0.91 -2.87
CA LYS A 51 -8.60 0.35 -2.31
C LYS A 51 -8.69 1.49 -3.34
N CYS A 52 -8.29 1.20 -4.58
CA CYS A 52 -8.45 2.13 -5.66
C CYS A 52 -9.93 2.41 -6.02
N GLY A 53 -10.61 1.39 -6.53
CA GLY A 53 -12.03 1.51 -6.88
C GLY A 53 -12.28 2.29 -8.17
N LYS A 54 -11.24 2.44 -9.00
CA LYS A 54 -11.39 3.09 -10.28
C LYS A 54 -12.33 2.32 -11.24
N PHE A 55 -12.44 1.01 -11.06
CA PHE A 55 -13.48 0.21 -11.72
C PHE A 55 -14.22 -0.62 -10.71
N ARG A 56 -15.33 -1.19 -11.16
CA ARG A 56 -16.05 -2.12 -10.33
C ARG A 56 -15.26 -3.46 -10.40
N PHE A 57 -14.94 -4.02 -9.23
CA PHE A 57 -14.19 -5.27 -9.12
C PHE A 57 -14.98 -6.36 -8.47
N PHE A 58 -14.96 -7.54 -9.09
CA PHE A 58 -15.51 -8.77 -8.49
C PHE A 58 -14.38 -9.76 -8.19
N ALA A 59 -14.52 -10.52 -7.11
CA ALA A 59 -13.58 -11.59 -6.80
C ALA A 59 -13.71 -12.75 -7.84
N GLN A 60 -12.70 -13.61 -7.85
CA GLN A 60 -12.69 -14.78 -8.72
C GLN A 60 -13.37 -16.03 -8.13
N HIS A 61 -13.58 -15.96 -6.82
CA HIS A 61 -14.09 -17.03 -5.99
C HIS A 61 -14.32 -16.44 -4.58
N VAL A 62 -15.31 -16.98 -3.88
CA VAL A 62 -15.66 -16.48 -2.55
C VAL A 62 -16.15 -17.64 -1.69
N ASP A 63 -15.80 -17.59 -0.40
CA ASP A 63 -16.24 -18.56 0.61
C ASP A 63 -17.36 -17.98 1.49
N ALA A 64 -18.32 -18.84 1.83
CA ALA A 64 -19.50 -18.43 2.68
C ALA A 64 -19.21 -18.37 4.18
N GLU A 65 -18.13 -18.98 4.62
CA GLU A 65 -17.79 -19.01 6.04
C GLU A 65 -17.56 -17.60 6.55
N PRO A 66 -17.99 -17.32 7.79
CA PRO A 66 -17.85 -15.97 8.35
C PRO A 66 -16.42 -15.74 8.78
N TYR A 67 -16.15 -14.55 9.31
CA TYR A 67 -14.92 -14.31 10.06
C TYR A 67 -14.79 -15.34 11.20
N GLY A 68 -13.58 -15.79 11.46
CA GLY A 68 -13.30 -16.75 12.50
C GLY A 68 -12.16 -17.73 12.20
N ALA A 69 -12.34 -18.94 12.65
CA ALA A 69 -11.30 -19.96 12.57
C ALA A 69 -11.37 -20.73 11.24
N TYR A 70 -11.11 -20.03 10.15
CA TYR A 70 -11.19 -20.61 8.82
C TYR A 70 -9.90 -20.38 8.03
N THR A 71 -8.89 -21.06 8.49
CA THR A 71 -7.59 -20.99 7.82
C THR A 71 -7.73 -21.18 6.31
N GLY A 72 -7.12 -20.26 5.56
CA GLY A 72 -7.01 -20.42 4.12
C GLY A 72 -8.27 -20.15 3.34
N HIS A 73 -9.21 -19.46 3.98
CA HIS A 73 -10.45 -19.06 3.33
C HIS A 73 -10.41 -17.56 2.92
N VAL A 74 -11.35 -17.21 2.05
CA VAL A 74 -11.58 -15.85 1.59
C VAL A 74 -13.05 -15.49 1.81
N PRO A 75 -13.43 -15.18 3.06
CA PRO A 75 -14.83 -14.96 3.40
C PRO A 75 -15.50 -13.78 2.72
N MET A 76 -16.77 -13.99 2.43
CA MET A 76 -17.61 -12.99 1.77
C MET A 76 -17.69 -11.74 2.65
N ASP A 77 -17.79 -11.94 3.96
CA ASP A 77 -17.91 -10.79 4.89
C ASP A 77 -16.65 -9.92 4.87
N MET A 78 -15.49 -10.55 4.70
CA MET A 78 -14.24 -9.83 4.62
C MET A 78 -14.19 -9.02 3.31
N MET A 79 -14.65 -9.64 2.24
CA MET A 79 -14.69 -8.92 0.96
C MET A 79 -15.58 -7.70 1.04
N ILE A 80 -16.73 -7.89 1.67
CA ILE A 80 -17.71 -6.80 1.78
C ILE A 80 -17.07 -5.66 2.54
N ASP A 81 -16.38 -5.97 3.64
CA ASP A 81 -15.70 -4.93 4.41
C ASP A 81 -14.64 -4.20 3.61
N LEU A 82 -14.00 -4.88 2.66
CA LEU A 82 -12.99 -4.22 1.82
C LEU A 82 -13.60 -3.39 0.69
N GLY A 83 -14.90 -3.47 0.52
CA GLY A 83 -15.57 -2.78 -0.59
C GLY A 83 -15.78 -3.59 -1.86
N ILE A 84 -15.54 -4.89 -1.79
CA ILE A 84 -15.87 -5.76 -2.94
C ILE A 84 -17.35 -6.19 -2.88
N THR A 85 -18.05 -6.01 -3.99
CA THR A 85 -19.50 -6.13 -3.98
C THR A 85 -20.00 -7.38 -4.71
N GLY A 86 -19.07 -8.19 -5.21
CA GLY A 86 -19.44 -9.43 -5.89
C GLY A 86 -18.32 -10.38 -6.21
N SER A 87 -18.70 -11.54 -6.73
CA SER A 87 -17.71 -12.58 -7.06
C SER A 87 -18.20 -13.52 -8.15
N ILE A 88 -17.24 -14.02 -8.90
CA ILE A 88 -17.44 -15.15 -9.76
C ILE A 88 -17.47 -16.40 -8.84
N LEU A 89 -18.23 -17.42 -9.23
CA LEU A 89 -18.32 -18.63 -8.46
C LEU A 89 -18.40 -19.85 -9.38
N ASN A 90 -17.73 -20.93 -9.03
CA ASN A 90 -17.83 -22.17 -9.80
C ASN A 90 -17.26 -22.06 -11.20
N HIS A 91 -16.30 -21.17 -11.40
CA HIS A 91 -15.56 -21.14 -12.67
C HIS A 91 -15.08 -22.58 -13.01
N SER A 92 -14.94 -22.89 -14.28
CA SER A 92 -14.41 -24.20 -14.72
C SER A 92 -13.06 -24.51 -14.10
N GLU A 93 -12.26 -23.48 -13.86
CA GLU A 93 -10.95 -23.66 -13.18
C GLU A 93 -11.08 -23.74 -11.66
N ARG A 94 -12.26 -23.50 -11.11
CA ARG A 94 -12.44 -23.47 -9.65
C ARG A 94 -13.83 -24.01 -9.29
N ARG A 95 -14.07 -25.23 -9.73
CA ARG A 95 -15.41 -25.88 -9.57
C ARG A 95 -15.67 -26.29 -8.12
N LEU A 96 -16.93 -26.26 -7.71
CA LEU A 96 -17.30 -26.48 -6.33
C LEU A 96 -18.41 -27.49 -6.26
N PRO A 97 -18.53 -28.22 -5.13
CA PRO A 97 -19.70 -29.06 -4.92
C PRO A 97 -20.96 -28.25 -4.95
N ARG A 98 -22.05 -28.89 -5.34
CA ARG A 98 -23.35 -28.19 -5.44
C ARG A 98 -23.89 -27.64 -4.13
N ASP A 99 -23.69 -28.36 -3.05
CA ASP A 99 -24.22 -27.87 -1.76
C ASP A 99 -23.45 -26.61 -1.32
N THR A 100 -22.15 -26.57 -1.59
CA THR A 100 -21.37 -25.38 -1.26
C THR A 100 -21.92 -24.20 -2.04
N ILE A 101 -22.17 -24.44 -3.32
CA ILE A 101 -22.64 -23.36 -4.20
C ILE A 101 -23.95 -22.82 -3.65
N ILE A 102 -24.82 -23.73 -3.29
CA ILE A 102 -26.21 -23.35 -2.85
C ILE A 102 -26.10 -22.56 -1.57
N ASN A 103 -25.28 -23.04 -0.66
CA ASN A 103 -25.07 -22.34 0.60
C ASN A 103 -24.54 -20.93 0.38
N THR A 104 -23.66 -20.81 -0.61
CA THR A 104 -23.05 -19.48 -0.88
C THR A 104 -24.04 -18.52 -1.53
N LEU A 105 -24.81 -19.02 -2.48
CA LEU A 105 -25.87 -18.20 -3.08
C LEU A 105 -26.87 -17.71 -2.01
N LYS A 106 -27.23 -18.63 -1.13
CA LYS A 106 -28.18 -18.30 -0.07
C LYS A 106 -27.64 -17.17 0.79
N LYS A 107 -26.39 -17.31 1.22
CA LYS A 107 -25.74 -16.22 1.94
C LYS A 107 -25.65 -14.91 1.17
N ALA A 108 -25.25 -14.98 -0.08
CA ALA A 108 -25.11 -13.75 -0.87
C ALA A 108 -26.47 -13.04 -1.06
N SER A 109 -27.52 -13.82 -1.16
CA SER A 109 -28.85 -13.24 -1.44
C SER A 109 -29.35 -12.38 -0.28
N LYS A 110 -28.88 -12.68 0.91
CA LYS A 110 -29.16 -11.85 2.07
C LYS A 110 -28.40 -10.55 2.10
N LEU A 111 -27.21 -10.55 1.51
CA LEU A 111 -26.21 -9.49 1.77
C LEU A 111 -25.98 -8.52 0.66
N ASP A 112 -26.82 -8.52 -0.38
CA ASP A 112 -26.62 -7.61 -1.53
C ASP A 112 -25.21 -7.73 -2.11
N PHE A 113 -24.74 -8.96 -2.16
CA PHE A 113 -23.43 -9.31 -2.73
C PHE A 113 -23.79 -10.08 -4.00
N THR A 114 -23.26 -9.63 -5.11
CA THR A 114 -23.57 -10.21 -6.42
C THR A 114 -22.74 -11.46 -6.72
N ILE A 115 -23.44 -12.52 -7.11
CA ILE A 115 -22.79 -13.73 -7.58
C ILE A 115 -22.97 -13.92 -9.09
N VAL A 116 -21.85 -14.20 -9.76
CA VAL A 116 -21.81 -14.57 -11.16
C VAL A 116 -21.50 -16.06 -11.15
N LEU A 117 -22.53 -16.85 -11.29
CA LEU A 117 -22.41 -18.30 -11.24
C LEU A 117 -22.08 -18.95 -12.61
N CYS A 118 -20.87 -19.48 -12.75
CA CYS A 118 -20.47 -20.17 -13.96
C CYS A 118 -21.09 -21.58 -14.06
N VAL A 119 -21.47 -21.93 -15.26
CA VAL A 119 -21.94 -23.26 -15.56
C VAL A 119 -21.34 -23.73 -16.89
N GLU A 120 -21.29 -25.05 -17.04
CA GLU A 120 -20.63 -25.73 -18.18
C GLU A 120 -21.57 -26.31 -19.22
N ASN A 121 -22.86 -26.27 -18.90
CA ASN A 121 -23.92 -26.82 -19.74
C ASN A 121 -25.32 -26.40 -19.23
N ALA A 122 -26.33 -26.73 -20.02
CA ALA A 122 -27.71 -26.29 -19.79
C ALA A 122 -28.35 -27.00 -18.62
N GLU A 123 -27.99 -28.26 -18.42
CA GLU A 123 -28.49 -29.02 -17.23
C GLU A 123 -28.07 -28.35 -15.91
N GLU A 124 -26.79 -27.94 -15.84
CA GLU A 124 -26.31 -27.25 -14.63
C GLU A 124 -27.04 -25.91 -14.48
N ALA A 125 -27.24 -25.24 -15.60
CA ALA A 125 -27.93 -23.96 -15.60
C ALA A 125 -29.34 -24.07 -15.02
N LYS A 126 -30.03 -25.12 -15.43
CA LYS A 126 -31.38 -25.37 -14.91
C LYS A 126 -31.38 -25.73 -13.42
N TYR A 127 -30.49 -26.64 -13.05
CA TYR A 127 -30.38 -27.07 -11.66
C TYR A 127 -30.33 -25.89 -10.67
N PHE A 128 -29.65 -24.82 -11.06
CA PHE A 128 -29.41 -23.70 -10.14
C PHE A 128 -30.43 -22.60 -10.24
N ARG A 129 -31.35 -22.73 -11.17
CA ARG A 129 -32.35 -21.68 -11.42
C ARG A 129 -33.17 -21.27 -10.20
N GLU A 130 -33.65 -22.25 -9.46
CA GLU A 130 -34.48 -21.96 -8.27
C GLU A 130 -33.73 -21.17 -7.16
N TYR A 131 -32.40 -21.18 -7.20
CA TYR A 131 -31.60 -20.44 -6.19
C TYR A 131 -31.29 -19.00 -6.64
N GLU A 132 -31.78 -18.64 -7.82
CA GLU A 132 -31.83 -17.24 -8.24
C GLU A 132 -30.47 -16.52 -8.22
N PRO A 133 -29.48 -17.10 -8.87
CA PRO A 133 -28.22 -16.35 -9.04
C PRO A 133 -28.42 -15.06 -9.79
N ASP A 134 -27.67 -14.05 -9.44
CA ASP A 134 -27.79 -12.75 -10.12
C ASP A 134 -27.37 -12.82 -11.60
N PHE A 135 -26.27 -13.52 -11.85
CA PHE A 135 -25.85 -13.79 -13.22
C PHE A 135 -25.55 -15.27 -13.33
N ILE A 136 -25.83 -15.79 -14.53
CA ILE A 136 -25.37 -17.10 -14.94
C ILE A 136 -24.36 -16.87 -16.03
N ALA A 137 -23.21 -17.51 -15.92
CA ALA A 137 -22.17 -17.36 -16.94
C ALA A 137 -21.91 -18.71 -17.64
N TYR A 138 -22.39 -18.84 -18.85
CA TYR A 138 -22.20 -20.06 -19.58
C TYR A 138 -20.83 -20.03 -20.23
N GLU A 139 -19.97 -20.95 -19.81
CA GLU A 139 -18.65 -21.10 -20.41
C GLU A 139 -18.33 -22.59 -20.64
N PRO A 140 -18.27 -23.03 -21.90
CA PRO A 140 -17.94 -24.40 -22.14
C PRO A 140 -16.47 -24.62 -21.88
N ARG A 141 -16.20 -25.62 -21.05
CA ARG A 141 -14.89 -25.89 -20.47
C ARG A 141 -13.75 -26.00 -21.46
N ASP A 142 -14.00 -26.71 -22.55
CA ASP A 142 -12.96 -27.04 -23.55
C ASP A 142 -12.58 -25.89 -24.47
N LEU A 143 -13.41 -24.86 -24.52
CA LEU A 143 -13.13 -23.66 -25.38
C LEU A 143 -12.37 -22.55 -24.68
N ILE A 144 -12.34 -22.63 -23.35
CA ILE A 144 -11.74 -21.56 -22.59
C ILE A 144 -10.26 -21.39 -22.97
N GLY A 145 -9.84 -20.16 -23.21
CA GLY A 145 -8.45 -19.89 -23.62
C GLY A 145 -8.16 -20.11 -25.10
N GLY A 146 -9.14 -20.65 -25.83
CA GLY A 146 -8.93 -20.92 -27.26
C GLY A 146 -9.27 -19.75 -28.16
N ASP A 147 -9.23 -19.97 -29.48
CA ASP A 147 -9.54 -18.90 -30.44
C ASP A 147 -10.88 -19.14 -31.15
N VAL A 148 -11.70 -20.04 -30.59
CA VAL A 148 -13.06 -20.26 -31.09
C VAL A 148 -14.10 -19.76 -30.07
N SER A 149 -14.91 -18.80 -30.50
CA SER A 149 -15.92 -18.17 -29.68
C SER A 149 -17.04 -19.13 -29.27
N VAL A 150 -17.48 -19.02 -28.04
CA VAL A 150 -18.70 -19.72 -27.57
C VAL A 150 -19.88 -19.44 -28.48
N SER A 151 -20.01 -18.21 -29.00
CA SER A 151 -21.12 -17.89 -29.89
C SER A 151 -21.02 -18.63 -31.24
N THR A 152 -19.82 -18.85 -31.73
CA THR A 152 -19.56 -19.64 -32.94
C THR A 152 -19.83 -21.11 -32.72
N ALA A 153 -19.35 -21.60 -31.60
CA ALA A 153 -19.30 -23.04 -31.38
C ALA A 153 -20.54 -23.63 -30.73
N LYS A 154 -21.22 -22.84 -29.91
CA LYS A 154 -22.36 -23.38 -29.12
C LYS A 154 -23.63 -22.53 -29.18
N PRO A 155 -24.01 -22.05 -30.36
CA PRO A 155 -25.10 -21.07 -30.38
C PRO A 155 -26.43 -21.61 -29.87
N GLU A 156 -26.67 -22.88 -30.06
CA GLU A 156 -27.93 -23.53 -29.58
C GLU A 156 -28.00 -23.67 -28.05
N ILE A 157 -26.84 -23.92 -27.45
CA ILE A 157 -26.76 -24.06 -25.98
C ILE A 157 -26.96 -22.67 -25.37
N ILE A 158 -26.43 -21.65 -26.03
CA ILE A 158 -26.63 -20.29 -25.53
C ILE A 158 -28.13 -20.01 -25.51
N GLU A 159 -28.79 -20.31 -26.62
CA GLU A 159 -30.26 -20.07 -26.73
C GLU A 159 -31.03 -20.85 -25.67
N ASP A 160 -30.66 -22.11 -25.46
CA ASP A 160 -31.33 -22.93 -24.45
C ASP A 160 -31.19 -22.32 -23.05
N ILE A 161 -29.99 -21.83 -22.72
CA ILE A 161 -29.76 -21.28 -21.36
C ILE A 161 -30.54 -19.97 -21.16
N VAL A 162 -30.52 -19.15 -22.20
CA VAL A 162 -31.30 -17.90 -22.19
C VAL A 162 -32.79 -18.22 -21.95
N LYS A 163 -33.30 -19.22 -22.66
CA LYS A 163 -34.69 -19.65 -22.50
C LYS A 163 -34.97 -20.09 -21.08
N ILE A 164 -34.10 -20.92 -20.56
CA ILE A 164 -34.20 -21.35 -19.17
C ILE A 164 -34.43 -20.17 -18.21
N TYR A 165 -33.71 -19.06 -18.43
CA TYR A 165 -33.75 -17.95 -17.46
C TYR A 165 -34.66 -16.81 -17.88
N GLU A 166 -35.34 -17.00 -18.98
CA GLU A 166 -36.24 -15.98 -19.50
C GLU A 166 -37.30 -15.55 -18.47
N GLY A 167 -37.47 -14.24 -18.33
CA GLY A 167 -38.42 -13.67 -17.35
C GLY A 167 -38.05 -13.80 -15.86
N THR A 168 -36.85 -14.31 -15.55
CA THR A 168 -36.35 -14.35 -14.16
C THR A 168 -35.55 -13.07 -13.95
N GLY A 169 -35.16 -12.79 -12.72
CA GLY A 169 -34.22 -11.68 -12.44
C GLY A 169 -32.74 -11.97 -12.81
N THR A 170 -32.45 -13.19 -13.26
CA THR A 170 -31.09 -13.58 -13.64
C THR A 170 -30.68 -13.20 -15.06
N SER A 171 -29.58 -12.47 -15.19
CA SER A 171 -29.02 -12.19 -16.52
C SER A 171 -28.04 -13.29 -16.95
N VAL A 172 -28.14 -13.66 -18.22
CA VAL A 172 -27.26 -14.69 -18.81
C VAL A 172 -26.07 -14.04 -19.53
N LEU A 173 -24.88 -14.42 -19.11
CA LEU A 173 -23.65 -14.01 -19.79
C LEU A 173 -23.02 -15.25 -20.45
N VAL A 174 -22.20 -15.00 -21.46
CA VAL A 174 -21.48 -16.09 -22.11
C VAL A 174 -19.99 -15.77 -22.24
N GLY A 175 -19.20 -16.83 -22.19
CA GLY A 175 -17.76 -16.70 -22.27
C GLY A 175 -17.08 -17.92 -22.88
N ALA A 176 -15.83 -17.72 -23.19
CA ALA A 176 -14.88 -18.67 -23.79
C ALA A 176 -14.56 -18.25 -25.24
N GLY A 177 -13.32 -17.85 -25.44
CA GLY A 177 -12.75 -17.62 -26.78
C GLY A 177 -13.23 -16.39 -27.49
N ILE A 178 -13.84 -15.49 -26.72
CA ILE A 178 -14.31 -14.23 -27.27
C ILE A 178 -13.13 -13.32 -27.54
N LYS A 179 -13.02 -12.96 -28.83
CA LYS A 179 -11.89 -12.13 -29.36
C LYS A 179 -12.30 -10.86 -30.07
N THR A 180 -13.44 -10.90 -30.74
CA THR A 180 -13.87 -9.77 -31.62
C THR A 180 -15.22 -9.17 -31.28
N GLY A 181 -15.41 -7.93 -31.71
CA GLY A 181 -16.71 -7.27 -31.69
C GLY A 181 -17.80 -8.19 -32.27
N GLU A 182 -17.47 -8.88 -33.34
CA GLU A 182 -18.42 -9.79 -34.03
C GLU A 182 -18.90 -10.92 -33.08
N ASP A 183 -17.95 -11.55 -32.37
CA ASP A 183 -18.29 -12.57 -31.32
C ASP A 183 -19.28 -11.98 -30.30
N VAL A 184 -19.00 -10.75 -29.86
CA VAL A 184 -19.88 -10.09 -28.88
C VAL A 184 -21.26 -9.83 -29.51
N ARG A 185 -21.31 -9.25 -30.70
CA ARG A 185 -22.62 -8.99 -31.38
C ARG A 185 -23.44 -10.30 -31.55
N ARG A 186 -22.77 -11.34 -32.01
CA ARG A 186 -23.38 -12.65 -32.16
C ARG A 186 -23.96 -13.18 -30.85
N SER A 187 -23.22 -12.98 -29.76
CA SER A 187 -23.69 -13.44 -28.42
C SER A 187 -24.94 -12.68 -27.96
N ILE A 188 -24.89 -11.36 -28.09
CA ILE A 188 -26.06 -10.52 -27.78
C ILE A 188 -27.21 -10.93 -28.68
N GLY A 189 -26.91 -11.15 -29.96
CA GLY A 189 -27.92 -11.61 -30.94
C GLY A 189 -28.60 -12.92 -30.55
N LEU A 190 -27.87 -13.84 -29.91
CA LEU A 190 -28.48 -15.09 -29.46
C LEU A 190 -29.19 -14.96 -28.12
N GLY A 191 -29.27 -13.75 -27.58
CA GLY A 191 -30.06 -13.53 -26.33
C GLY A 191 -29.26 -13.25 -25.08
N ALA A 192 -27.94 -13.36 -25.16
CA ALA A 192 -27.11 -13.08 -23.99
C ALA A 192 -27.13 -11.58 -23.62
N ARG A 193 -26.91 -11.34 -22.33
CA ARG A 193 -26.89 -9.99 -21.77
C ARG A 193 -25.49 -9.51 -21.51
N GLY A 194 -24.51 -10.25 -21.99
CA GLY A 194 -23.15 -9.83 -21.86
C GLY A 194 -22.18 -10.95 -21.97
N ILE A 195 -20.94 -10.63 -21.62
CA ILE A 195 -19.82 -11.48 -21.90
C ILE A 195 -18.80 -11.54 -20.79
N LEU A 196 -18.04 -12.63 -20.81
CA LEU A 196 -16.81 -12.76 -20.03
C LEU A 196 -15.67 -13.00 -20.97
N VAL A 197 -14.56 -12.41 -20.64
CA VAL A 197 -13.38 -12.49 -21.46
C VAL A 197 -12.14 -12.49 -20.57
N ALA A 198 -11.17 -13.28 -20.96
CA ALA A 198 -9.86 -13.24 -20.33
C ALA A 198 -8.70 -13.06 -21.33
N SER A 199 -8.27 -14.13 -22.00
CA SER A 199 -7.04 -14.07 -22.84
C SER A 199 -7.13 -13.02 -23.96
N GLY A 200 -8.33 -12.83 -24.51
CA GLY A 200 -8.54 -11.92 -25.63
C GLY A 200 -8.16 -10.49 -25.31
N VAL A 201 -8.22 -10.19 -24.02
CA VAL A 201 -7.84 -8.89 -23.54
C VAL A 201 -6.47 -8.90 -22.84
N VAL A 202 -6.33 -9.79 -21.87
CA VAL A 202 -5.15 -9.83 -21.06
C VAL A 202 -3.90 -10.14 -21.86
N LYS A 203 -3.99 -11.08 -22.78
CA LYS A 203 -2.80 -11.47 -23.59
C LYS A 203 -2.59 -10.63 -24.88
N SER A 204 -3.35 -9.58 -25.05
CA SER A 204 -3.25 -8.74 -26.26
C SER A 204 -2.02 -7.81 -26.21
N ALA A 205 -1.53 -7.45 -27.40
CA ALA A 205 -0.49 -6.39 -27.53
C ALA A 205 -0.99 -5.05 -27.00
N ASP A 206 -2.29 -4.83 -27.09
CA ASP A 206 -2.90 -3.59 -26.54
C ASP A 206 -4.25 -3.91 -25.88
N PRO A 207 -4.21 -4.27 -24.60
CA PRO A 207 -5.42 -4.71 -23.92
C PRO A 207 -6.55 -3.70 -24.00
N THR A 208 -6.22 -2.43 -23.80
CA THR A 208 -7.21 -1.36 -23.77
C THR A 208 -7.96 -1.31 -25.10
N LYS A 209 -7.23 -1.37 -26.19
CA LYS A 209 -7.85 -1.35 -27.51
C LYS A 209 -8.65 -2.64 -27.76
N SER A 210 -8.06 -3.79 -27.43
CA SER A 210 -8.82 -5.04 -27.57
C SER A 210 -10.18 -4.99 -26.85
N LEU A 211 -10.16 -4.47 -25.64
CA LEU A 211 -11.43 -4.41 -24.89
C LEU A 211 -12.44 -3.48 -25.58
N ASN A 212 -11.94 -2.32 -25.99
CA ASN A 212 -12.80 -1.39 -26.72
C ASN A 212 -13.40 -2.00 -27.96
N SER A 213 -12.65 -2.81 -28.69
CA SER A 213 -13.24 -3.52 -29.83
C SER A 213 -14.44 -4.40 -29.49
N LEU A 214 -14.40 -4.97 -28.30
CA LEU A 214 -15.45 -5.89 -27.87
C LEU A 214 -16.70 -5.16 -27.48
N ILE A 215 -16.53 -4.03 -26.83
CA ILE A 215 -17.70 -3.31 -26.32
C ILE A 215 -18.10 -2.05 -27.09
N GLU A 216 -17.83 -2.04 -28.41
CA GLU A 216 -18.22 -0.91 -29.32
C GLU A 216 -18.72 -1.37 -30.68
N MET B 3 -13.85 22.32 -20.07
CA MET B 3 -13.34 23.70 -20.34
C MET B 3 -12.97 24.53 -19.08
N TYR B 4 -13.59 24.25 -17.94
CA TYR B 4 -13.18 24.85 -16.65
C TYR B 4 -12.45 23.83 -15.78
N THR B 5 -11.71 24.34 -14.82
CA THR B 5 -10.94 23.52 -13.87
C THR B 5 -11.35 23.81 -12.42
N ALA B 6 -11.50 22.77 -11.64
CA ALA B 6 -11.79 22.88 -10.20
C ALA B 6 -10.76 22.09 -9.46
N ILE B 7 -10.08 22.79 -8.57
CA ILE B 7 -9.06 22.16 -7.76
C ILE B 7 -9.47 22.10 -6.30
N VAL B 8 -9.47 20.89 -5.76
CA VAL B 8 -9.83 20.67 -4.35
C VAL B 8 -8.54 20.44 -3.57
N ASN B 9 -8.19 21.44 -2.78
CA ASN B 9 -6.93 21.44 -2.05
C ASN B 9 -7.19 20.88 -0.68
N LEU B 10 -6.63 19.72 -0.38
CA LEU B 10 -6.89 19.04 0.87
C LEU B 10 -6.02 19.59 2.01
N LYS B 11 -5.02 20.39 1.64
CA LYS B 11 -4.10 20.97 2.60
C LYS B 11 -3.55 19.92 3.55
N THR B 12 -3.55 20.17 4.84
CA THR B 12 -3.19 19.12 5.83
C THR B 12 -4.39 18.90 6.81
N TYR B 13 -5.60 18.94 6.28
CA TYR B 13 -6.80 18.80 7.08
C TYR B 13 -6.94 17.37 7.54
N ARG B 14 -7.24 17.24 8.80
CA ARG B 14 -7.31 15.90 9.41
C ARG B 14 -8.26 14.95 8.67
N GLU B 15 -9.38 15.47 8.19
CA GLU B 15 -10.40 14.66 7.55
C GLU B 15 -9.92 14.05 6.23
N ALA B 16 -8.93 14.68 5.58
CA ALA B 16 -8.53 14.20 4.28
C ALA B 16 -7.08 13.86 4.13
N THR B 17 -6.40 13.67 5.24
CA THR B 17 -4.96 13.31 5.19
C THR B 17 -4.65 12.07 6.05
N GLY B 18 -3.49 11.47 5.80
CA GLY B 18 -3.02 10.29 6.56
C GLY B 18 -3.91 9.09 6.33
N ALA B 19 -4.32 8.46 7.42
CA ALA B 19 -5.19 7.25 7.32
C ALA B 19 -6.55 7.60 6.74
N ASN B 20 -6.92 8.86 6.93
CA ASN B 20 -8.20 9.35 6.42
C ASN B 20 -8.25 9.62 4.93
N PHE B 21 -7.09 9.73 4.31
CA PHE B 21 -7.09 10.08 2.86
C PHE B 21 -7.95 9.14 1.99
N THR B 22 -7.71 7.85 2.14
CA THR B 22 -8.40 6.86 1.32
C THR B 22 -9.89 6.90 1.60
N ARG B 23 -10.27 6.93 2.87
CA ARG B 23 -11.73 6.93 3.19
C ARG B 23 -12.41 8.23 2.77
N PHE B 24 -11.66 9.34 2.83
CA PHE B 24 -12.20 10.63 2.31
C PHE B 24 -12.45 10.55 0.79
N MET B 25 -11.47 10.03 0.05
CA MET B 25 -11.59 9.96 -1.42
C MET B 25 -12.65 8.94 -1.84
N GLU B 26 -12.76 7.89 -1.06
CA GLU B 26 -13.65 6.77 -1.35
C GLU B 26 -15.09 7.32 -1.62
N LYS B 27 -15.44 8.43 -0.99
CA LYS B 27 -16.78 9.02 -1.15
C LYS B 27 -17.07 9.83 -2.42
N PHE B 28 -16.06 10.07 -3.24
CA PHE B 28 -16.23 10.85 -4.46
C PHE B 28 -16.31 9.95 -5.67
N GLU B 29 -16.98 10.46 -6.70
CA GLU B 29 -17.08 9.76 -7.96
C GLU B 29 -16.65 10.70 -9.01
N PRO B 30 -16.13 10.17 -10.13
CA PRO B 30 -15.78 11.08 -11.22
C PRO B 30 -16.96 11.87 -11.66
N VAL B 31 -16.69 12.99 -12.32
CA VAL B 31 -17.77 13.89 -12.75
C VAL B 31 -17.69 14.19 -14.23
N GLN B 32 -18.87 14.32 -14.80
CA GLN B 32 -19.03 14.80 -16.16
C GLN B 32 -19.64 16.16 -16.01
N GLY B 33 -19.06 17.11 -16.71
CA GLY B 33 -19.58 18.46 -16.69
C GLY B 33 -18.58 19.35 -17.36
N LYS B 34 -18.73 20.64 -17.12
CA LYS B 34 -17.81 21.62 -17.69
C LYS B 34 -16.49 21.69 -16.93
N PHE B 35 -16.44 21.07 -15.74
CA PHE B 35 -15.22 21.15 -14.89
C PHE B 35 -14.30 19.93 -14.94
N GLU B 36 -13.05 20.14 -15.34
CA GLU B 36 -12.02 19.17 -15.04
C GLU B 36 -11.71 19.22 -13.52
N LEU B 37 -11.90 18.09 -12.86
CA LEU B 37 -11.68 17.96 -11.43
C LEU B 37 -10.22 17.49 -11.09
N ILE B 38 -9.57 18.22 -10.19
CA ILE B 38 -8.22 17.90 -9.69
C ILE B 38 -8.20 17.96 -8.19
N PHE B 39 -7.63 16.95 -7.54
CA PHE B 39 -7.46 16.98 -6.09
C PHE B 39 -6.00 17.21 -5.77
N SER B 40 -5.72 17.90 -4.67
CA SER B 40 -4.34 18.15 -4.20
C SER B 40 -4.13 17.57 -2.84
N PRO B 41 -3.56 16.37 -2.78
CA PRO B 41 -3.32 15.74 -1.49
C PRO B 41 -2.09 16.26 -0.85
N SER B 42 -1.96 15.97 0.43
CA SER B 42 -0.82 16.41 1.21
C SER B 42 0.39 15.66 0.70
N LEU B 43 1.57 16.23 0.92
CA LEU B 43 2.81 15.53 0.40
C LEU B 43 2.98 14.06 0.92
N LEU B 44 2.66 13.82 2.18
CA LEU B 44 2.79 12.45 2.78
C LEU B 44 1.84 11.38 2.14
N ASP B 45 0.82 11.86 1.48
CA ASP B 45 -0.24 11.06 0.89
C ASP B 45 -0.15 10.99 -0.60
N LEU B 46 0.81 11.66 -1.19
CA LEU B 46 0.82 11.79 -2.62
C LEU B 46 1.14 10.48 -3.41
N GLU B 47 2.00 9.65 -2.85
CA GLU B 47 2.33 8.37 -3.51
C GLU B 47 1.11 7.43 -3.53
N LYS B 48 0.46 7.35 -2.41
CA LYS B 48 -0.79 6.63 -2.25
C LYS B 48 -1.81 7.11 -3.29
N ALA B 49 -1.98 8.42 -3.38
CA ALA B 49 -2.92 8.98 -4.33
C ALA B 49 -2.56 8.58 -5.72
N ALA B 50 -1.28 8.71 -6.01
CA ALA B 50 -0.80 8.47 -7.39
C ALA B 50 -1.02 7.00 -7.81
N LYS B 51 -0.92 6.10 -6.85
CA LYS B 51 -1.06 4.65 -7.10
C LYS B 51 -2.48 4.30 -7.55
N CYS B 52 -3.46 4.93 -6.93
CA CYS B 52 -4.84 4.81 -7.36
C CYS B 52 -5.11 5.43 -8.75
N GLY B 53 -5.06 6.75 -8.83
CA GLY B 53 -5.29 7.44 -10.11
C GLY B 53 -6.75 7.46 -10.58
N LYS B 54 -7.67 7.24 -9.66
CA LYS B 54 -9.09 7.41 -9.96
C LYS B 54 -9.48 8.89 -10.27
N PHE B 55 -8.70 9.83 -9.76
CA PHE B 55 -8.80 11.22 -10.15
C PHE B 55 -7.46 11.73 -10.57
N ARG B 56 -7.46 12.90 -11.15
CA ARG B 56 -6.23 13.59 -11.43
C ARG B 56 -5.75 14.28 -10.11
N PHE B 57 -4.52 14.03 -9.72
CA PHE B 57 -3.91 14.57 -8.51
C PHE B 57 -2.73 15.48 -8.83
N PHE B 58 -2.71 16.64 -8.20
CA PHE B 58 -1.56 17.58 -8.23
C PHE B 58 -0.97 17.69 -6.82
N ALA B 59 0.34 17.86 -6.74
CA ALA B 59 0.98 18.10 -5.46
C ALA B 59 0.63 19.48 -4.90
N GLN B 60 0.92 19.69 -3.62
CA GLN B 60 0.66 21.00 -2.97
C GLN B 60 1.85 21.98 -3.05
N HIS B 61 3.00 21.43 -3.43
CA HIS B 61 4.25 22.12 -3.57
C HIS B 61 5.20 21.14 -4.27
N VAL B 62 6.17 21.69 -5.00
CA VAL B 62 7.18 20.87 -5.67
C VAL B 62 8.52 21.61 -5.69
N ASP B 63 9.59 20.82 -5.58
CA ASP B 63 10.97 21.32 -5.69
C ASP B 63 11.60 21.02 -7.08
N ALA B 64 12.41 21.94 -7.56
CA ALA B 64 13.10 21.79 -8.88
C ALA B 64 14.37 20.95 -8.86
N GLU B 65 14.93 20.73 -7.68
CA GLU B 65 16.14 19.92 -7.58
C GLU B 65 15.91 18.51 -8.13
N PRO B 66 16.92 17.95 -8.83
CA PRO B 66 16.82 16.61 -9.35
C PRO B 66 16.96 15.55 -8.25
N TYR B 67 16.84 14.27 -8.63
CA TYR B 67 17.25 13.18 -7.76
C TYR B 67 18.69 13.41 -7.33
N GLY B 68 19.01 13.07 -6.08
CA GLY B 68 20.35 13.21 -5.56
C GLY B 68 20.43 13.58 -4.09
N ALA B 69 21.41 14.39 -3.77
CA ALA B 69 21.72 14.70 -2.37
C ALA B 69 20.89 15.93 -1.91
N TYR B 70 19.57 15.74 -1.84
CA TYR B 70 18.68 16.84 -1.45
C TYR B 70 17.77 16.40 -0.30
N THR B 71 18.38 16.24 0.84
CA THR B 71 17.61 15.88 2.07
C THR B 71 16.39 16.76 2.21
N GLY B 72 15.24 16.13 2.45
CA GLY B 72 14.03 16.87 2.81
C GLY B 72 13.33 17.61 1.67
N HIS B 73 13.66 17.21 0.44
CA HIS B 73 13.03 17.78 -0.74
C HIS B 73 12.01 16.81 -1.32
N VAL B 74 11.17 17.40 -2.17
CA VAL B 74 10.16 16.65 -2.93
C VAL B 74 10.34 16.96 -4.42
N PRO B 75 11.31 16.30 -5.07
CA PRO B 75 11.68 16.63 -6.45
C PRO B 75 10.65 16.35 -7.49
N MET B 76 10.58 17.27 -8.46
CA MET B 76 9.64 17.16 -9.54
C MET B 76 9.83 15.82 -10.30
N ASP B 77 11.10 15.42 -10.46
CA ASP B 77 11.40 14.18 -11.19
C ASP B 77 10.83 12.95 -10.48
N MET B 78 10.84 12.98 -9.16
CA MET B 78 10.36 11.87 -8.40
C MET B 78 8.85 11.82 -8.55
N MET B 79 8.23 12.99 -8.53
CA MET B 79 6.77 13.05 -8.66
C MET B 79 6.35 12.50 -10.01
N ILE B 80 7.08 12.90 -11.04
CA ILE B 80 6.75 12.45 -12.40
C ILE B 80 6.82 10.93 -12.44
N ASP B 81 7.89 10.36 -11.86
CA ASP B 81 8.05 8.91 -11.87
C ASP B 81 6.95 8.21 -11.10
N LEU B 82 6.38 8.86 -10.10
CA LEU B 82 5.20 8.28 -9.41
C LEU B 82 3.88 8.45 -10.18
N GLY B 83 3.90 9.21 -11.25
CA GLY B 83 2.67 9.48 -12.01
C GLY B 83 1.94 10.79 -11.67
N ILE B 84 2.56 11.65 -10.87
CA ILE B 84 1.98 12.99 -10.61
C ILE B 84 2.39 13.96 -11.73
N THR B 85 1.42 14.65 -12.31
CA THR B 85 1.61 15.40 -13.53
C THR B 85 1.59 16.90 -13.32
N GLY B 86 1.41 17.33 -12.07
CA GLY B 86 1.39 18.76 -11.75
C GLY B 86 1.42 19.10 -10.27
N SER B 87 1.52 20.39 -10.01
CA SER B 87 1.64 20.90 -8.64
C SER B 87 1.16 22.32 -8.50
N ILE B 88 0.61 22.59 -7.33
CA ILE B 88 0.40 23.95 -6.86
C ILE B 88 1.79 24.51 -6.48
N LEU B 89 2.00 25.81 -6.63
CA LEU B 89 3.24 26.44 -6.25
C LEU B 89 2.99 27.82 -5.68
N ASN B 90 3.75 28.20 -4.66
CA ASN B 90 3.63 29.53 -4.08
C ASN B 90 2.26 29.82 -3.45
N HIS B 91 1.60 28.78 -2.95
CA HIS B 91 0.38 28.99 -2.15
C HIS B 91 0.71 30.02 -1.03
N SER B 92 -0.30 30.76 -0.59
CA SER B 92 -0.12 31.70 0.53
C SER B 92 0.45 31.03 1.78
N GLU B 93 0.08 29.78 2.01
CA GLU B 93 0.62 28.99 3.18
C GLU B 93 2.01 28.41 2.90
N ARG B 94 2.52 28.53 1.69
CA ARG B 94 3.81 27.95 1.30
C ARG B 94 4.47 28.85 0.23
N ARG B 95 4.68 30.10 0.62
CA ARG B 95 5.26 31.12 -0.29
C ARG B 95 6.74 30.90 -0.54
N LEU B 96 7.19 31.28 -1.70
CA LEU B 96 8.58 31.01 -2.11
C LEU B 96 9.23 32.27 -2.65
N PRO B 97 10.55 32.40 -2.54
CA PRO B 97 11.27 33.44 -3.27
C PRO B 97 11.00 33.40 -4.75
N ARG B 98 11.05 34.56 -5.38
CA ARG B 98 10.79 34.70 -6.84
C ARG B 98 11.74 33.93 -7.73
N ASP B 99 13.01 33.88 -7.38
CA ASP B 99 13.97 33.13 -8.22
C ASP B 99 13.68 31.63 -8.16
N THR B 100 13.30 31.13 -7.00
CA THR B 100 12.95 29.71 -6.87
C THR B 100 11.75 29.42 -7.77
N ILE B 101 10.77 30.33 -7.76
CA ILE B 101 9.55 30.12 -8.53
C ILE B 101 9.90 30.09 -10.01
N ILE B 102 10.75 31.02 -10.41
CA ILE B 102 11.15 31.14 -11.84
C ILE B 102 11.90 29.86 -12.29
N ASN B 103 12.81 29.45 -11.48
CA ASN B 103 13.58 28.25 -11.77
C ASN B 103 12.70 27.03 -11.88
N THR B 104 11.67 26.98 -11.05
CA THR B 104 10.80 25.82 -11.06
C THR B 104 9.89 25.83 -12.30
N LEU B 105 9.39 27.00 -12.64
CA LEU B 105 8.58 27.13 -13.86
C LEU B 105 9.40 26.70 -15.09
N LYS B 106 10.63 27.16 -15.11
CA LYS B 106 11.52 26.84 -16.23
C LYS B 106 11.71 25.33 -16.37
N LYS B 107 12.02 24.68 -15.26
CA LYS B 107 12.10 23.24 -15.27
C LYS B 107 10.82 22.51 -15.67
N ALA B 108 9.69 22.98 -15.15
CA ALA B 108 8.42 22.33 -15.48
C ALA B 108 8.09 22.43 -16.99
N SER B 109 8.51 23.52 -17.59
CA SER B 109 8.14 23.81 -19.00
C SER B 109 8.78 22.81 -19.97
N LYS B 110 9.90 22.24 -19.55
CA LYS B 110 10.55 21.19 -20.37
C LYS B 110 9.91 19.84 -20.22
N LEU B 111 9.19 19.63 -19.12
CA LEU B 111 8.83 18.26 -18.70
C LEU B 111 7.40 17.87 -18.75
N ASP B 112 6.57 18.65 -19.41
CA ASP B 112 5.10 18.40 -19.42
C ASP B 112 4.52 18.24 -18.01
N PHE B 113 4.99 19.06 -17.10
CA PHE B 113 4.51 19.06 -15.72
C PHE B 113 3.80 20.39 -15.53
N THR B 114 2.55 20.33 -15.11
CA THR B 114 1.71 21.51 -14.96
C THR B 114 1.90 22.22 -13.61
N ILE B 115 2.09 23.52 -13.68
CA ILE B 115 2.21 24.35 -12.51
C ILE B 115 1.01 25.30 -12.37
N VAL B 116 0.43 25.28 -11.16
CA VAL B 116 -0.65 26.17 -10.78
C VAL B 116 -0.01 27.17 -9.83
N LEU B 117 0.32 28.32 -10.37
CA LEU B 117 1.02 29.34 -9.60
C LEU B 117 0.10 30.31 -8.86
N CYS B 118 0.09 30.20 -7.53
CA CYS B 118 -0.72 31.10 -6.74
C CYS B 118 -0.08 32.51 -6.63
N VAL B 119 -0.94 33.50 -6.62
CA VAL B 119 -0.52 34.87 -6.38
C VAL B 119 -1.56 35.54 -5.45
N GLU B 120 -1.10 36.58 -4.80
CA GLU B 120 -1.86 37.27 -3.76
C GLU B 120 -2.42 38.61 -4.18
N ASN B 121 -2.01 39.06 -5.35
CA ASN B 121 -2.43 40.36 -5.92
C ASN B 121 -2.05 40.48 -7.40
N ALA B 122 -2.48 41.57 -8.03
CA ALA B 122 -2.33 41.79 -9.48
C ALA B 122 -0.91 42.11 -9.88
N GLU B 123 -0.18 42.77 -9.00
CA GLU B 123 1.28 43.04 -9.23
C GLU B 123 2.10 41.76 -9.37
N GLU B 124 1.84 40.80 -8.49
CA GLU B 124 2.54 39.53 -8.54
C GLU B 124 2.16 38.79 -9.79
N ALA B 125 0.86 38.83 -10.09
CA ALA B 125 0.37 38.19 -11.30
C ALA B 125 1.10 38.69 -12.55
N LYS B 126 1.25 40.01 -12.64
CA LYS B 126 1.96 40.57 -13.78
C LYS B 126 3.42 40.16 -13.80
N TYR B 127 4.06 40.27 -12.66
CA TYR B 127 5.50 39.95 -12.56
C TYR B 127 5.85 38.59 -13.21
N PHE B 128 4.95 37.61 -13.08
CA PHE B 128 5.22 36.24 -13.49
C PHE B 128 4.76 35.92 -14.88
N ARG B 129 4.08 36.87 -15.50
CA ARG B 129 3.44 36.64 -16.83
C ARG B 129 4.42 36.16 -17.90
N GLU B 130 5.58 36.78 -17.97
CA GLU B 130 6.59 36.41 -18.99
C GLU B 130 7.11 34.99 -18.86
N TYR B 131 6.97 34.38 -17.68
CA TYR B 131 7.43 32.98 -17.45
C TYR B 131 6.36 31.95 -17.77
N GLU B 132 5.18 32.43 -18.18
CA GLU B 132 4.16 31.58 -18.81
C GLU B 132 3.68 30.40 -17.96
N PRO B 133 3.27 30.67 -16.72
CA PRO B 133 2.68 29.59 -15.92
C PRO B 133 1.43 29.00 -16.57
N ASP B 134 1.23 27.72 -16.42
CA ASP B 134 0.06 27.09 -17.01
C ASP B 134 -1.28 27.64 -16.41
N PHE B 135 -1.30 27.78 -15.09
CA PHE B 135 -2.42 28.39 -14.40
C PHE B 135 -1.87 29.42 -13.45
N ILE B 136 -2.64 30.48 -13.30
CA ILE B 136 -2.47 31.48 -12.28
C ILE B 136 -3.67 31.34 -11.33
N ALA B 137 -3.38 31.23 -10.05
CA ALA B 137 -4.44 31.06 -9.04
C ALA B 137 -4.48 32.25 -8.09
N TYR B 138 -5.47 33.12 -8.26
CA TYR B 138 -5.54 34.33 -7.47
C TYR B 138 -6.26 33.99 -6.19
N GLU B 139 -5.55 34.06 -5.08
CA GLU B 139 -6.16 33.82 -3.77
C GLU B 139 -5.72 34.92 -2.79
N PRO B 140 -6.62 35.80 -2.40
CA PRO B 140 -6.23 36.83 -1.45
C PRO B 140 -6.06 36.19 -0.11
N ARG B 141 -4.91 36.45 0.46
CA ARG B 141 -4.42 35.79 1.65
C ARG B 141 -5.38 35.80 2.84
N ASP B 142 -5.98 36.94 3.09
CA ASP B 142 -6.79 37.14 4.31
C ASP B 142 -8.16 36.50 4.25
N LEU B 143 -8.62 36.14 3.06
CA LEU B 143 -9.97 35.48 2.88
C LEU B 143 -9.95 33.97 2.93
N ILE B 144 -8.74 33.40 2.80
CA ILE B 144 -8.56 31.97 2.79
C ILE B 144 -9.09 31.32 4.08
N GLY B 145 -9.91 30.29 3.93
CA GLY B 145 -10.53 29.66 5.09
C GLY B 145 -11.79 30.35 5.64
N GLY B 146 -12.13 31.52 5.11
CA GLY B 146 -13.31 32.26 5.62
C GLY B 146 -14.62 31.92 4.92
N ASP B 147 -15.67 32.63 5.27
CA ASP B 147 -16.98 32.42 4.61
C ASP B 147 -17.36 33.58 3.62
N VAL B 148 -16.39 34.42 3.24
CA VAL B 148 -16.57 35.41 2.19
C VAL B 148 -15.79 35.06 0.90
N SER B 149 -16.51 34.87 -0.18
CA SER B 149 -15.98 34.47 -1.49
C SER B 149 -15.06 35.55 -2.07
N VAL B 150 -13.97 35.10 -2.66
CA VAL B 150 -13.12 36.00 -3.48
C VAL B 150 -13.94 36.76 -4.57
N SER B 151 -14.94 36.11 -5.15
CA SER B 151 -15.78 36.77 -6.17
C SER B 151 -16.66 37.88 -5.59
N THR B 152 -17.11 37.67 -4.37
CA THR B 152 -17.82 38.73 -3.62
C THR B 152 -16.91 39.90 -3.23
N ALA B 153 -15.75 39.56 -2.72
CA ALA B 153 -14.92 40.55 -2.05
C ALA B 153 -13.96 41.26 -2.98
N LYS B 154 -13.52 40.59 -4.03
CA LYS B 154 -12.47 41.17 -4.89
C LYS B 154 -12.80 41.11 -6.39
N PRO B 155 -14.03 41.44 -6.78
CA PRO B 155 -14.37 41.23 -8.19
C PRO B 155 -13.49 42.04 -9.18
N GLU B 156 -13.06 43.22 -8.79
CA GLU B 156 -12.22 44.09 -9.66
C GLU B 156 -10.80 43.56 -9.84
N ILE B 157 -10.26 42.95 -8.78
CA ILE B 157 -8.93 42.35 -8.85
C ILE B 157 -8.97 41.09 -9.76
N ILE B 158 -10.05 40.34 -9.65
CA ILE B 158 -10.21 39.18 -10.51
C ILE B 158 -10.14 39.69 -11.96
N GLU B 159 -10.92 40.72 -12.26
CA GLU B 159 -10.98 41.26 -13.66
C GLU B 159 -9.60 41.73 -14.11
N ASP B 160 -8.89 42.42 -13.22
CA ASP B 160 -7.54 42.90 -13.52
C ASP B 160 -6.59 41.78 -13.88
N ILE B 161 -6.65 40.68 -13.10
CA ILE B 161 -5.73 39.54 -13.35
C ILE B 161 -6.09 38.81 -14.66
N VAL B 162 -7.37 38.64 -14.90
CA VAL B 162 -7.85 38.05 -16.14
C VAL B 162 -7.33 38.88 -17.33
N LYS B 163 -7.48 40.19 -17.22
CA LYS B 163 -7.00 41.10 -18.25
C LYS B 163 -5.50 40.92 -18.50
N ILE B 164 -4.73 40.92 -17.44
CA ILE B 164 -3.30 40.69 -17.52
C ILE B 164 -2.95 39.44 -18.35
N TYR B 165 -3.73 38.38 -18.20
CA TYR B 165 -3.43 37.11 -18.89
C TYR B 165 -4.23 36.86 -20.17
N GLU B 166 -5.03 37.83 -20.55
CA GLU B 166 -5.87 37.72 -21.74
C GLU B 166 -5.03 37.44 -22.98
N GLY B 167 -5.48 36.50 -23.78
CA GLY B 167 -4.76 36.07 -24.99
C GLY B 167 -3.45 35.30 -24.79
N THR B 168 -3.12 34.97 -23.55
CA THR B 168 -1.92 34.14 -23.28
C THR B 168 -2.41 32.70 -23.15
N GLY B 169 -1.50 31.75 -23.08
CA GLY B 169 -1.89 30.35 -22.82
C GLY B 169 -2.25 30.04 -21.36
N THR B 170 -2.14 31.05 -20.49
CA THR B 170 -2.38 30.86 -19.06
C THR B 170 -3.84 30.98 -18.69
N SER B 171 -4.40 29.98 -18.06
CA SER B 171 -5.75 30.09 -17.48
C SER B 171 -5.76 30.65 -16.04
N VAL B 172 -6.68 31.55 -15.79
CA VAL B 172 -6.83 32.22 -14.48
C VAL B 172 -7.85 31.51 -13.62
N LEU B 173 -7.41 31.06 -12.45
CA LEU B 173 -8.32 30.47 -11.47
C LEU B 173 -8.41 31.39 -10.27
N VAL B 174 -9.49 31.26 -9.51
CA VAL B 174 -9.62 32.04 -8.30
C VAL B 174 -10.02 31.17 -7.14
N GLY B 175 -9.60 31.60 -5.97
CA GLY B 175 -9.90 30.89 -4.74
C GLY B 175 -9.95 31.78 -3.54
N ALA B 176 -10.46 31.18 -2.46
CA ALA B 176 -10.65 31.75 -1.10
C ALA B 176 -12.14 31.94 -0.82
N GLY B 177 -12.65 31.13 0.12
CA GLY B 177 -14.00 31.31 0.71
C GLY B 177 -15.14 30.92 -0.19
N ILE B 178 -14.82 30.16 -1.23
CA ILE B 178 -15.82 29.66 -2.16
C ILE B 178 -16.60 28.54 -1.49
N LYS B 179 -17.90 28.77 -1.42
CA LYS B 179 -18.84 27.85 -0.73
C LYS B 179 -20.01 27.39 -1.57
N THR B 180 -20.49 28.26 -2.45
CA THR B 180 -21.72 27.99 -3.23
C THR B 180 -21.56 27.98 -4.74
N GLY B 181 -22.50 27.32 -5.41
CA GLY B 181 -22.64 27.41 -6.89
C GLY B 181 -22.65 28.85 -7.36
N GLU B 182 -23.29 29.72 -6.59
CA GLU B 182 -23.36 31.15 -6.93
C GLU B 182 -21.96 31.84 -6.95
N ASP B 183 -21.15 31.56 -5.94
CA ASP B 183 -19.73 32.03 -5.91
C ASP B 183 -18.99 31.58 -7.18
N VAL B 184 -19.19 30.33 -7.55
CA VAL B 184 -18.54 29.79 -8.76
C VAL B 184 -19.06 30.52 -10.02
N ARG B 185 -20.37 30.61 -10.19
CA ARG B 185 -20.97 31.35 -11.37
C ARG B 185 -20.43 32.78 -11.48
N ARG B 186 -20.45 33.47 -10.36
CA ARG B 186 -19.96 34.82 -10.32
C ARG B 186 -18.46 34.91 -10.72
N SER B 187 -17.65 33.92 -10.30
CA SER B 187 -16.23 33.90 -10.68
C SER B 187 -16.07 33.71 -12.20
N ILE B 188 -16.80 32.75 -12.74
CA ILE B 188 -16.76 32.47 -14.19
C ILE B 188 -17.24 33.72 -14.93
N GLY B 189 -18.27 34.35 -14.40
CA GLY B 189 -18.81 35.60 -14.92
C GLY B 189 -17.80 36.73 -14.98
N LEU B 190 -16.88 36.78 -14.02
CA LEU B 190 -15.86 37.81 -14.04
C LEU B 190 -14.68 37.47 -14.90
N GLY B 191 -14.74 36.34 -15.60
CA GLY B 191 -13.65 35.98 -16.53
C GLY B 191 -12.72 34.84 -16.10
N ALA B 192 -12.90 34.36 -14.89
CA ALA B 192 -12.10 33.20 -14.44
C ALA B 192 -12.43 31.92 -15.18
N ARG B 193 -11.46 31.05 -15.26
CA ARG B 193 -11.59 29.77 -15.93
C ARG B 193 -11.73 28.63 -14.93
N GLY B 194 -11.88 28.97 -13.68
CA GLY B 194 -12.11 27.94 -12.69
C GLY B 194 -11.77 28.39 -11.30
N ILE B 195 -11.68 27.43 -10.39
CA ILE B 195 -11.70 27.71 -9.00
C ILE B 195 -10.81 26.78 -8.20
N LEU B 196 -10.43 27.27 -7.04
CA LEU B 196 -9.82 26.45 -6.00
C LEU B 196 -10.66 26.55 -4.75
N VAL B 197 -10.70 25.42 -4.05
CA VAL B 197 -11.53 25.31 -2.90
C VAL B 197 -10.90 24.33 -1.93
N ALA B 198 -10.99 24.65 -0.65
CA ALA B 198 -10.55 23.72 0.39
C ALA B 198 -11.64 23.49 1.47
N SER B 199 -11.76 24.41 2.43
CA SER B 199 -12.66 24.17 3.57
C SER B 199 -14.12 23.91 3.15
N GLY B 200 -14.58 24.59 2.13
CA GLY B 200 -15.97 24.47 1.64
C GLY B 200 -16.37 23.07 1.24
N VAL B 201 -15.38 22.29 0.87
CA VAL B 201 -15.58 20.88 0.57
C VAL B 201 -15.07 19.95 1.66
N VAL B 202 -13.83 20.14 2.06
CA VAL B 202 -13.22 19.28 3.05
C VAL B 202 -13.90 19.30 4.41
N LYS B 203 -14.27 20.47 4.89
CA LYS B 203 -14.94 20.58 6.21
C LYS B 203 -16.51 20.43 6.18
N SER B 204 -17.06 20.07 5.04
CA SER B 204 -18.50 19.92 4.92
C SER B 204 -18.99 18.59 5.56
N ALA B 205 -20.23 18.59 6.03
CA ALA B 205 -20.93 17.34 6.48
C ALA B 205 -21.04 16.32 5.36
N ASP B 206 -21.13 16.79 4.13
CA ASP B 206 -21.14 15.91 2.98
C ASP B 206 -20.27 16.50 1.85
N PRO B 207 -18.96 16.12 1.82
CA PRO B 207 -18.01 16.73 0.88
C PRO B 207 -18.40 16.51 -0.56
N THR B 208 -18.85 15.30 -0.85
CA THR B 208 -19.28 14.95 -2.22
C THR B 208 -20.40 15.87 -2.72
N LYS B 209 -21.43 16.06 -1.91
CA LYS B 209 -22.54 16.92 -2.32
C LYS B 209 -22.08 18.40 -2.37
N SER B 210 -21.33 18.86 -1.37
CA SER B 210 -20.77 20.23 -1.45
C SER B 210 -20.02 20.49 -2.75
N LEU B 211 -19.22 19.53 -3.15
CA LEU B 211 -18.46 19.74 -4.40
C LEU B 211 -19.38 19.76 -5.64
N ASN B 212 -20.31 18.82 -5.69
CA ASN B 212 -21.31 18.84 -6.77
C ASN B 212 -22.10 20.16 -6.85
N SER B 213 -22.45 20.74 -5.72
CA SER B 213 -23.05 22.10 -5.77
C SER B 213 -22.21 23.18 -6.43
N LEU B 214 -20.90 23.07 -6.30
CA LEU B 214 -20.00 24.06 -6.86
C LEU B 214 -19.86 23.91 -8.37
N ILE B 215 -19.83 22.67 -8.82
CA ILE B 215 -19.56 22.45 -10.24
C ILE B 215 -20.78 22.01 -11.08
N GLU B 216 -21.97 22.47 -10.68
CA GLU B 216 -23.24 22.20 -11.40
C GLU B 216 -24.11 23.44 -11.41
N MET C 3 25.42 2.37 24.23
CA MET C 3 24.91 2.12 22.85
C MET C 3 25.07 3.35 21.90
N TYR C 4 25.28 3.00 20.64
CA TYR C 4 25.47 3.97 19.56
C TYR C 4 24.31 4.01 18.57
N THR C 5 24.27 5.08 17.79
CA THR C 5 23.25 5.25 16.75
C THR C 5 23.88 5.41 15.37
N ALA C 6 23.33 4.72 14.39
CA ALA C 6 23.70 4.90 13.00
C ALA C 6 22.47 5.28 12.17
N ILE C 7 22.57 6.42 11.49
CA ILE C 7 21.51 6.91 10.65
C ILE C 7 21.90 6.86 9.22
N VAL C 8 21.09 6.17 8.44
CA VAL C 8 21.30 6.08 7.01
C VAL C 8 20.32 7.03 6.34
N ASN C 9 20.86 8.10 5.75
CA ASN C 9 20.05 9.11 5.12
C ASN C 9 19.95 8.84 3.66
N LEU C 10 18.75 8.49 3.17
CA LEU C 10 18.56 8.09 1.77
C LEU C 10 18.44 9.30 0.84
N LYS C 11 18.32 10.47 1.43
CA LYS C 11 18.16 11.71 0.70
C LYS C 11 17.11 11.54 -0.39
N THR C 12 17.38 12.02 -1.61
CA THR C 12 16.44 11.79 -2.71
C THR C 12 17.20 11.00 -3.80
N TYR C 13 18.02 10.05 -3.37
CA TYR C 13 18.81 9.25 -4.29
C TYR C 13 17.92 8.26 -5.04
N ARG C 14 18.16 8.18 -6.34
CA ARG C 14 17.35 7.38 -7.23
C ARG C 14 17.28 5.92 -6.81
N GLU C 15 18.37 5.39 -6.31
CA GLU C 15 18.45 3.97 -5.90
C GLU C 15 17.56 3.63 -4.73
N ALA C 16 17.21 4.62 -3.92
CA ALA C 16 16.50 4.31 -2.65
C ALA C 16 15.21 5.06 -2.46
N THR C 17 14.67 5.62 -3.54
CA THR C 17 13.45 6.38 -3.51
C THR C 17 12.44 5.88 -4.53
N GLY C 18 11.18 6.22 -4.28
CA GLY C 18 10.06 5.88 -5.21
C GLY C 18 9.80 4.40 -5.26
N ALA C 19 9.69 3.86 -6.47
CA ALA C 19 9.52 2.40 -6.67
C ALA C 19 10.73 1.60 -6.18
N ASN C 20 11.89 2.25 -6.21
CA ASN C 20 13.12 1.65 -5.70
C ASN C 20 13.24 1.53 -4.16
N PHE C 21 12.43 2.28 -3.44
CA PHE C 21 12.56 2.25 -1.99
C PHE C 21 12.42 0.85 -1.43
N THR C 22 11.35 0.19 -1.79
CA THR C 22 11.02 -1.14 -1.24
C THR C 22 12.14 -2.14 -1.60
N ARG C 23 12.55 -2.14 -2.84
CA ARG C 23 13.60 -3.04 -3.32
C ARG C 23 14.95 -2.73 -2.67
N PHE C 24 15.25 -1.45 -2.47
CA PHE C 24 16.48 -1.06 -1.74
C PHE C 24 16.46 -1.57 -0.27
N MET C 25 15.35 -1.36 0.42
CA MET C 25 15.24 -1.80 1.85
C MET C 25 15.19 -3.35 2.00
N GLU C 26 14.60 -3.99 1.01
CA GLU C 26 14.41 -5.44 1.02
C GLU C 26 15.75 -6.14 1.29
N LYS C 27 16.85 -5.54 0.86
CA LYS C 27 18.17 -6.14 1.03
C LYS C 27 18.81 -6.05 2.38
N PHE C 28 18.21 -5.30 3.30
CA PHE C 28 18.79 -5.13 4.63
C PHE C 28 18.09 -6.03 5.63
N GLU C 29 18.81 -6.39 6.66
CA GLU C 29 18.24 -7.17 7.74
C GLU C 29 18.52 -6.42 9.01
N PRO C 30 17.66 -6.59 10.04
CA PRO C 30 17.99 -5.95 11.31
C PRO C 30 19.33 -6.40 11.81
N VAL C 31 19.89 -5.61 12.70
CA VAL C 31 21.22 -5.89 13.17
C VAL C 31 21.20 -5.94 14.67
N GLN C 32 22.05 -6.81 15.17
CA GLN C 32 22.35 -6.91 16.60
C GLN C 32 23.75 -6.45 16.71
N GLY C 33 23.96 -5.52 17.64
CA GLY C 33 25.27 -4.96 17.82
C GLY C 33 25.18 -3.75 18.70
N LYS C 34 26.23 -2.97 18.68
CA LYS C 34 26.27 -1.77 19.50
C LYS C 34 25.45 -0.64 18.87
N PHE C 35 25.14 -0.76 17.60
CA PHE C 35 24.45 0.36 16.89
C PHE C 35 22.94 0.21 16.80
N GLU C 36 22.20 1.17 17.33
CA GLU C 36 20.81 1.32 16.90
C GLU C 36 20.78 1.86 15.47
N LEU C 37 20.15 1.09 14.57
CA LEU C 37 20.02 1.45 13.18
C LEU C 37 18.70 2.24 12.88
N ILE C 38 18.84 3.40 12.23
CA ILE C 38 17.70 4.25 11.79
C ILE C 38 17.86 4.59 10.31
N PHE C 39 16.79 4.47 9.52
CA PHE C 39 16.82 4.91 8.14
C PHE C 39 15.97 6.16 7.98
N SER C 40 16.37 7.04 7.08
CA SER C 40 15.66 8.30 6.81
C SER C 40 15.21 8.37 5.37
N PRO C 41 13.98 7.96 5.08
CA PRO C 41 13.52 7.96 3.73
C PRO C 41 13.09 9.31 3.28
N SER C 42 12.90 9.45 1.99
CA SER C 42 12.46 10.72 1.40
C SER C 42 11.04 10.98 1.87
N LEU C 43 10.62 12.25 1.89
CA LEU C 43 9.27 12.61 2.37
C LEU C 43 8.17 11.88 1.57
N LEU C 44 8.36 11.71 0.28
CA LEU C 44 7.36 10.99 -0.53
C LEU C 44 7.20 9.48 -0.24
N ASP C 45 8.20 8.90 0.43
CA ASP C 45 8.30 7.48 0.75
C ASP C 45 8.03 7.20 2.16
N LEU C 46 7.82 8.23 2.94
CA LEU C 46 7.73 8.05 4.39
C LEU C 46 6.52 7.26 4.91
N GLU C 47 5.39 7.52 4.31
CA GLU C 47 4.18 6.83 4.75
C GLU C 47 4.26 5.32 4.46
N LYS C 48 4.69 4.98 3.28
CA LYS C 48 5.09 3.61 2.91
C LYS C 48 6.05 3.01 3.97
N ALA C 49 7.13 3.72 4.25
CA ALA C 49 8.10 3.22 5.22
C ALA C 49 7.44 2.97 6.56
N ALA C 50 6.62 3.92 6.98
CA ALA C 50 6.00 3.82 8.30
C ALA C 50 5.05 2.61 8.41
N LYS C 51 4.39 2.30 7.30
CA LYS C 51 3.43 1.18 7.20
C LYS C 51 4.14 -0.14 7.50
N CYS C 52 5.30 -0.33 6.91
CA CYS C 52 6.14 -1.47 7.20
C CYS C 52 6.68 -1.51 8.66
N GLY C 53 7.62 -0.63 8.97
CA GLY C 53 8.22 -0.59 10.32
C GLY C 53 9.24 -1.69 10.61
N LYS C 54 9.76 -2.32 9.57
CA LYS C 54 10.85 -3.31 9.71
C LYS C 54 12.15 -2.70 10.29
N PHE C 55 12.35 -1.41 10.07
CA PHE C 55 13.38 -0.65 10.79
C PHE C 55 12.73 0.55 11.44
N ARG C 56 13.49 1.20 12.30
CA ARG C 56 13.09 2.46 12.81
C ARG C 56 13.35 3.56 11.70
N PHE C 57 12.33 4.35 11.38
CA PHE C 57 12.39 5.39 10.34
C PHE C 57 12.20 6.76 10.90
N PHE C 58 13.10 7.67 10.52
CA PHE C 58 12.98 9.10 10.84
C PHE C 58 12.76 9.84 9.56
N ALA C 59 11.95 10.88 9.62
CA ALA C 59 11.77 11.80 8.47
C ALA C 59 13.05 12.59 8.19
N GLN C 60 13.10 13.19 7.00
CA GLN C 60 14.30 14.01 6.59
C GLN C 60 14.18 15.45 6.97
N HIS C 61 12.94 15.81 7.35
CA HIS C 61 12.54 17.15 7.70
C HIS C 61 11.10 17.10 8.25
N VAL C 62 10.76 18.04 9.12
CA VAL C 62 9.45 18.07 9.74
C VAL C 62 9.04 19.49 10.04
N ASP C 63 7.73 19.75 9.89
CA ASP C 63 7.11 21.06 10.18
C ASP C 63 6.35 21.03 11.54
N ALA C 64 6.42 22.12 12.28
CA ALA C 64 5.76 22.24 13.58
C ALA C 64 4.26 22.55 13.48
N GLU C 65 3.82 23.04 12.35
CA GLU C 65 2.39 23.40 12.18
C GLU C 65 1.48 22.18 12.39
N PRO C 66 0.30 22.40 12.98
CA PRO C 66 -0.61 21.29 13.26
C PRO C 66 -1.35 20.86 12.02
N TYR C 67 -2.19 19.82 12.11
CA TYR C 67 -3.19 19.59 11.07
C TYR C 67 -3.96 20.89 10.84
N GLY C 68 -4.34 21.13 9.60
CA GLY C 68 -5.13 22.29 9.23
C GLY C 68 -4.81 22.85 7.86
N ALA C 69 -4.86 24.19 7.75
CA ALA C 69 -4.68 24.90 6.50
C ALA C 69 -3.22 25.22 6.24
N TYR C 70 -2.44 24.18 6.00
CA TYR C 70 -1.00 24.35 5.79
C TYR C 70 -0.59 23.64 4.50
N THR C 71 -1.05 24.21 3.39
CA THR C 71 -0.67 23.68 2.10
C THR C 71 0.86 23.41 2.05
N GLY C 72 1.22 22.21 1.61
CA GLY C 72 2.63 21.89 1.27
C GLY C 72 3.53 21.71 2.47
N HIS C 73 2.91 21.48 3.61
CA HIS C 73 3.61 21.10 4.84
C HIS C 73 3.58 19.59 5.13
N VAL C 74 4.52 19.20 5.98
CA VAL C 74 4.64 17.84 6.47
C VAL C 74 4.61 17.87 8.01
N PRO C 75 3.41 18.01 8.60
CA PRO C 75 3.29 18.21 10.04
C PRO C 75 3.74 17.07 10.90
N MET C 76 4.34 17.44 12.02
CA MET C 76 4.81 16.50 13.03
C MET C 76 3.65 15.63 13.52
N ASP C 77 2.47 16.23 13.67
CA ASP C 77 1.31 15.46 14.20
C ASP C 77 0.85 14.40 13.22
N MET C 78 0.95 14.69 11.96
CA MET C 78 0.59 13.74 10.93
C MET C 78 1.61 12.56 10.91
N MET C 79 2.87 12.91 11.08
CA MET C 79 3.93 11.89 11.15
C MET C 79 3.70 10.97 12.33
N ILE C 80 3.38 11.56 13.47
CA ILE C 80 3.15 10.79 14.70
C ILE C 80 1.98 9.82 14.49
N ASP C 81 0.92 10.28 13.87
CA ASP C 81 -0.23 9.40 13.56
C ASP C 81 0.09 8.29 12.60
N LEU C 82 1.05 8.50 11.71
CA LEU C 82 1.48 7.43 10.79
C LEU C 82 2.47 6.46 11.43
N GLY C 83 2.87 6.75 12.64
CA GLY C 83 3.88 5.93 13.30
C GLY C 83 5.34 6.37 13.17
N ILE C 84 5.62 7.56 12.63
CA ILE C 84 7.00 8.09 12.62
C ILE C 84 7.34 8.78 13.93
N THR C 85 8.47 8.42 14.53
CA THR C 85 8.79 8.83 15.90
C THR C 85 9.92 9.84 15.99
N GLY C 86 10.46 10.22 14.84
CA GLY C 86 11.48 11.27 14.80
C GLY C 86 11.81 11.83 13.42
N SER C 87 12.68 12.83 13.42
CA SER C 87 13.06 13.47 12.20
C SER C 87 14.42 14.10 12.27
N ILE C 88 15.09 14.15 11.12
CA ILE C 88 16.25 15.01 10.92
C ILE C 88 15.72 16.44 10.75
N LEU C 89 16.47 17.42 11.20
CA LEU C 89 16.10 18.83 11.05
C LEU C 89 17.34 19.71 10.76
N ASN C 90 17.18 20.69 9.94
CA ASN C 90 18.26 21.63 9.62
C ASN C 90 19.48 20.97 8.96
N HIS C 91 19.23 19.92 8.15
CA HIS C 91 20.29 19.38 7.30
C HIS C 91 20.90 20.51 6.44
N SER C 92 22.18 20.42 6.11
CA SER C 92 22.85 21.43 5.21
C SER C 92 22.08 21.62 3.90
N GLU C 93 21.42 20.58 3.43
CA GLU C 93 20.62 20.66 2.23
C GLU C 93 19.20 21.22 2.47
N ARG C 94 18.82 21.35 3.72
CA ARG C 94 17.46 21.79 4.09
C ARG C 94 17.49 22.72 5.30
N ARG C 95 18.30 23.77 5.16
CA ARG C 95 18.56 24.68 6.31
C ARG C 95 17.31 25.50 6.59
N LEU C 96 17.12 25.82 7.86
CA LEU C 96 15.95 26.58 8.31
C LEU C 96 16.36 27.81 9.15
N PRO C 97 15.48 28.83 9.23
CA PRO C 97 15.66 29.93 10.14
C PRO C 97 15.64 29.48 11.55
N ARG C 98 16.39 30.18 12.38
CA ARG C 98 16.61 29.76 13.74
C ARG C 98 15.35 29.77 14.58
N ASP C 99 14.46 30.72 14.33
CA ASP C 99 13.19 30.71 15.10
C ASP C 99 12.33 29.51 14.74
N THR C 100 12.35 29.11 13.45
CA THR C 100 11.60 27.91 13.04
C THR C 100 12.14 26.71 13.77
N ILE C 101 13.45 26.64 13.81
CA ILE C 101 14.06 25.51 14.45
C ILE C 101 13.65 25.46 15.89
N ILE C 102 13.73 26.60 16.53
CA ILE C 102 13.47 26.64 18.00
C ILE C 102 12.03 26.22 18.30
N ASN C 103 11.13 26.78 17.51
CA ASN C 103 9.70 26.45 17.63
C ASN C 103 9.46 24.96 17.43
N THR C 104 10.19 24.35 16.49
CA THR C 104 10.02 22.92 16.23
C THR C 104 10.56 22.04 17.38
N LEU C 105 11.74 22.40 17.89
CA LEU C 105 12.30 21.69 19.04
C LEU C 105 11.36 21.74 20.22
N LYS C 106 10.84 22.93 20.45
CA LYS C 106 9.94 23.16 21.58
C LYS C 106 8.74 22.25 21.45
N LYS C 107 8.14 22.24 20.29
CA LYS C 107 7.06 21.29 20.04
C LYS C 107 7.39 19.83 20.20
N ALA C 108 8.53 19.43 19.63
CA ALA C 108 8.90 18.00 19.71
C ALA C 108 9.17 17.57 21.15
N SER C 109 9.64 18.52 21.94
CA SER C 109 9.95 18.27 23.34
C SER C 109 8.70 17.96 24.17
N LYS C 110 7.55 18.48 23.75
CA LYS C 110 6.27 18.18 24.38
C LYS C 110 5.72 16.82 23.98
N LEU C 111 6.11 16.32 22.80
CA LEU C 111 5.44 15.16 22.18
C LEU C 111 6.20 13.87 22.08
N ASP C 112 7.32 13.75 22.77
CA ASP C 112 8.11 12.50 22.68
C ASP C 112 8.44 12.13 21.23
N PHE C 113 8.74 13.13 20.45
CA PHE C 113 9.13 12.99 19.05
C PHE C 113 10.61 13.39 19.03
N THR C 114 11.44 12.55 18.44
CA THR C 114 12.89 12.77 18.46
C THR C 114 13.40 13.64 17.31
N ILE C 115 14.15 14.66 17.65
CA ILE C 115 14.80 15.50 16.69
C ILE C 115 16.31 15.26 16.65
N VAL C 116 16.81 15.07 15.43
CA VAL C 116 18.22 14.98 15.12
C VAL C 116 18.60 16.30 14.45
N LEU C 117 19.13 17.23 15.26
CA LEU C 117 19.43 18.56 14.79
C LEU C 117 20.83 18.67 14.15
N CYS C 118 20.86 18.90 12.85
CA CYS C 118 22.15 19.09 12.17
C CYS C 118 22.75 20.49 12.39
N VAL C 119 24.06 20.52 12.52
CA VAL C 119 24.78 21.77 12.58
C VAL C 119 26.04 21.71 11.74
N GLU C 120 26.50 22.89 11.32
CA GLU C 120 27.63 23.06 10.44
C GLU C 120 28.96 23.46 11.07
N ASN C 121 28.93 23.77 12.37
CA ASN C 121 30.10 24.22 13.16
C ASN C 121 29.79 24.27 14.61
N ALA C 122 30.81 24.53 15.41
CA ALA C 122 30.69 24.48 16.87
C ALA C 122 29.90 25.61 17.45
N GLU C 123 30.04 26.77 16.86
CA GLU C 123 29.32 27.97 17.36
C GLU C 123 27.78 27.78 17.19
N GLU C 124 27.37 27.17 16.08
CA GLU C 124 25.96 26.83 15.87
C GLU C 124 25.50 25.74 16.84
N ALA C 125 26.37 24.77 17.07
CA ALA C 125 26.10 23.74 18.08
C ALA C 125 25.84 24.38 19.46
N LYS C 126 26.68 25.31 19.84
CA LYS C 126 26.49 25.99 21.13
C LYS C 126 25.18 26.81 21.15
N TYR C 127 24.94 27.57 20.09
CA TYR C 127 23.71 28.38 19.94
C TYR C 127 22.46 27.59 20.35
N PHE C 128 22.42 26.30 20.01
CA PHE C 128 21.22 25.51 20.18
C PHE C 128 21.18 24.71 21.44
N ARG C 129 22.26 24.75 22.17
CA ARG C 129 22.39 23.90 23.38
C ARG C 129 21.25 24.10 24.42
N GLU C 130 20.92 25.35 24.70
CA GLU C 130 19.84 25.67 25.67
C GLU C 130 18.45 25.16 25.28
N TYR C 131 18.23 24.84 24.00
CA TYR C 131 16.95 24.23 23.55
C TYR C 131 16.91 22.73 23.62
N GLU C 132 18.01 22.12 24.03
CA GLU C 132 18.03 20.68 24.41
C GLU C 132 17.57 19.70 23.32
N PRO C 133 18.22 19.75 22.15
CA PRO C 133 17.91 18.77 21.13
C PRO C 133 18.29 17.38 21.55
N ASP C 134 17.53 16.40 21.13
CA ASP C 134 17.84 14.99 21.51
C ASP C 134 19.17 14.49 20.91
N PHE C 135 19.39 14.82 19.63
CA PHE C 135 20.67 14.57 19.00
C PHE C 135 21.16 15.83 18.33
N ILE C 136 22.45 16.00 18.37
CA ILE C 136 23.12 16.97 17.54
C ILE C 136 23.92 16.18 16.50
N ALA C 137 23.79 16.57 15.24
CA ALA C 137 24.51 15.93 14.14
C ALA C 137 25.49 16.90 13.46
N TYR C 138 26.77 16.75 13.75
CA TYR C 138 27.74 17.64 13.20
C TYR C 138 28.11 17.13 11.82
N GLU C 139 27.82 17.94 10.82
CA GLU C 139 28.17 17.65 9.44
C GLU C 139 28.71 18.90 8.76
N PRO C 140 30.00 18.93 8.47
CA PRO C 140 30.55 20.07 7.79
C PRO C 140 30.13 20.08 6.34
N ARG C 141 29.59 21.20 5.93
CA ARG C 141 28.89 21.35 4.67
C ARG C 141 29.68 20.96 3.43
N ASP C 142 30.94 21.34 3.41
CA ASP C 142 31.82 21.09 2.24
C ASP C 142 32.34 19.65 2.07
N LEU C 143 32.23 18.83 3.11
CA LEU C 143 32.64 17.39 3.04
C LEU C 143 31.54 16.41 2.67
N ILE C 144 30.28 16.87 2.76
CA ILE C 144 29.17 16.04 2.45
C ILE C 144 29.26 15.51 1.00
N GLY C 145 29.12 14.21 0.82
CA GLY C 145 29.15 13.59 -0.51
C GLY C 145 30.56 13.32 -1.03
N GLY C 146 31.56 13.80 -0.31
CA GLY C 146 32.95 13.56 -0.65
C GLY C 146 33.55 12.29 -0.06
N ASP C 147 34.85 12.10 -0.33
CA ASP C 147 35.57 10.90 0.09
C ASP C 147 36.47 11.12 1.29
N VAL C 148 36.34 12.25 1.93
CA VAL C 148 37.10 12.53 3.14
C VAL C 148 36.14 12.54 4.33
N SER C 149 36.42 11.67 5.29
CA SER C 149 35.64 11.54 6.52
C SER C 149 35.70 12.80 7.41
N VAL C 150 34.56 13.12 8.01
CA VAL C 150 34.54 14.15 9.05
C VAL C 150 35.53 13.87 10.17
N SER C 151 35.69 12.61 10.55
CA SER C 151 36.66 12.26 11.62
C SER C 151 38.17 12.45 11.18
N THR C 152 38.46 12.25 9.90
CA THR C 152 39.77 12.55 9.30
C THR C 152 40.02 14.08 9.21
N ALA C 153 39.00 14.81 8.77
CA ALA C 153 39.20 16.19 8.40
C ALA C 153 38.97 17.16 9.54
N LYS C 154 38.13 16.79 10.50
CA LYS C 154 37.70 17.75 11.55
C LYS C 154 37.71 17.18 12.94
N PRO C 155 38.75 16.44 13.26
CA PRO C 155 38.70 15.79 14.57
C PRO C 155 38.56 16.73 15.82
N GLU C 156 39.14 17.90 15.75
CA GLU C 156 39.11 18.88 16.83
C GLU C 156 37.72 19.50 17.03
N ILE C 157 37.05 19.74 15.91
CA ILE C 157 35.67 20.32 15.96
C ILE C 157 34.72 19.25 16.54
N ILE C 158 34.97 17.97 16.23
CA ILE C 158 34.17 16.89 16.81
C ILE C 158 34.33 16.95 18.31
N GLU C 159 35.58 17.04 18.76
CA GLU C 159 35.89 17.11 20.22
C GLU C 159 35.25 18.33 20.87
N ASP C 160 35.36 19.47 20.20
CA ASP C 160 34.73 20.70 20.67
C ASP C 160 33.21 20.56 20.86
N ILE C 161 32.54 19.93 19.89
CA ILE C 161 31.07 19.77 19.97
C ILE C 161 30.68 18.81 21.06
N VAL C 162 31.41 17.71 21.16
CA VAL C 162 31.17 16.71 22.20
C VAL C 162 31.29 17.37 23.57
N LYS C 163 32.33 18.17 23.71
CA LYS C 163 32.57 18.93 24.95
C LYS C 163 31.40 19.85 25.29
N ILE C 164 31.00 20.65 24.31
CA ILE C 164 29.85 21.50 24.46
C ILE C 164 28.66 20.76 25.07
N TYR C 165 28.43 19.52 24.66
CA TYR C 165 27.21 18.79 25.07
C TYR C 165 27.42 17.79 26.18
N GLU C 166 28.63 17.74 26.67
CA GLU C 166 28.97 16.82 27.73
C GLU C 166 28.07 17.01 28.96
N GLY C 167 27.58 15.91 29.49
CA GLY C 167 26.68 15.94 30.67
C GLY C 167 25.26 16.45 30.44
N THR C 168 24.90 16.72 29.18
CA THR C 168 23.53 17.10 28.85
C THR C 168 22.85 15.81 28.44
N GLY C 169 21.55 15.82 28.25
CA GLY C 169 20.86 14.65 27.66
C GLY C 169 21.08 14.44 26.14
N THR C 170 21.76 15.38 25.50
CA THR C 170 21.97 15.37 24.05
C THR C 170 23.13 14.46 23.60
N SER C 171 22.86 13.53 22.71
CA SER C 171 23.91 12.72 22.08
C SER C 171 24.45 13.37 20.80
N VAL C 172 25.77 13.35 20.66
CA VAL C 172 26.42 13.94 19.51
C VAL C 172 26.72 12.87 18.45
N LEU C 173 26.21 13.10 17.23
CA LEU C 173 26.52 12.24 16.06
C LEU C 173 27.35 13.03 15.06
N VAL C 174 28.09 12.33 14.20
CA VAL C 174 28.86 13.00 13.18
C VAL C 174 28.63 12.38 11.85
N GLY C 175 28.75 13.22 10.82
CA GLY C 175 28.56 12.78 9.46
C GLY C 175 29.31 13.60 8.46
N ALA C 176 29.30 13.08 7.23
CA ALA C 176 29.99 13.60 6.04
C ALA C 176 31.21 12.71 5.68
N GLY C 177 31.08 12.02 4.54
CA GLY C 177 32.21 11.29 3.91
C GLY C 177 32.64 10.04 4.61
N ILE C 178 31.78 9.56 5.49
CA ILE C 178 32.01 8.30 6.20
C ILE C 178 31.84 7.11 5.25
N LYS C 179 32.95 6.38 5.10
CA LYS C 179 33.07 5.27 4.15
C LYS C 179 33.51 3.95 4.77
N THR C 180 34.35 4.01 5.80
CA THR C 180 34.91 2.79 6.41
C THR C 180 34.67 2.60 7.88
N GLY C 181 34.79 1.34 8.31
CA GLY C 181 34.83 0.97 9.75
C GLY C 181 35.81 1.81 10.55
N GLU C 182 36.95 2.10 9.92
CA GLU C 182 37.97 2.97 10.53
C GLU C 182 37.43 4.39 10.84
N ASP C 183 36.76 5.00 9.85
CA ASP C 183 36.08 6.33 10.03
C ASP C 183 35.16 6.28 11.25
N VAL C 184 34.39 5.21 11.35
CA VAL C 184 33.45 5.06 12.46
C VAL C 184 34.19 4.91 13.79
N ARG C 185 35.19 4.00 13.86
CA ARG C 185 36.00 3.82 15.10
C ARG C 185 36.65 5.14 15.56
N ARG C 186 37.22 5.83 14.63
CA ARG C 186 37.84 7.12 14.89
C ARG C 186 36.83 8.18 15.42
N SER C 187 35.61 8.20 14.86
CA SER C 187 34.54 9.10 15.35
C SER C 187 34.13 8.75 16.79
N ILE C 188 33.91 7.47 17.06
CA ILE C 188 33.57 7.03 18.42
C ILE C 188 34.72 7.37 19.37
N GLY C 189 35.93 7.15 18.89
CA GLY C 189 37.15 7.45 19.65
C GLY C 189 37.28 8.91 20.01
N LEU C 190 36.80 9.80 19.15
CA LEU C 190 36.81 11.23 19.48
C LEU C 190 35.64 11.67 20.38
N GLY C 191 34.82 10.74 20.84
CA GLY C 191 33.69 11.07 21.72
C GLY C 191 32.28 11.02 21.13
N ALA C 192 32.17 10.83 19.85
CA ALA C 192 30.84 10.78 19.24
C ALA C 192 30.09 9.54 19.67
N ARG C 193 28.77 9.66 19.66
CA ARG C 193 27.87 8.56 20.02
C ARG C 193 27.24 7.90 18.80
N GLY C 194 27.72 8.26 17.63
CA GLY C 194 27.27 7.60 16.42
C GLY C 194 27.50 8.42 15.20
N ILE C 195 26.85 7.98 14.11
CA ILE C 195 27.14 8.46 12.78
C ILE C 195 25.93 8.64 11.87
N LEU C 196 26.12 9.49 10.87
CA LEU C 196 25.23 9.59 9.77
C LEU C 196 25.98 9.32 8.51
N VAL C 197 25.29 8.62 7.62
CA VAL C 197 25.89 8.24 6.37
C VAL C 197 24.85 8.25 5.26
N ALA C 198 25.28 8.64 4.06
CA ALA C 198 24.44 8.53 2.89
C ALA C 198 25.10 7.82 1.70
N SER C 199 25.91 8.53 0.94
CA SER C 199 26.45 7.96 -0.32
C SER C 199 27.27 6.68 -0.10
N GLY C 200 27.99 6.61 1.00
CA GLY C 200 28.85 5.46 1.36
C GLY C 200 28.07 4.15 1.34
N VAL C 201 26.79 4.27 1.63
CA VAL C 201 25.93 3.12 1.69
C VAL C 201 25.02 3.06 0.48
N VAL C 202 24.34 4.16 0.22
CA VAL C 202 23.33 4.19 -0.85
C VAL C 202 23.91 3.97 -2.21
N LYS C 203 25.06 4.57 -2.47
CA LYS C 203 25.67 4.44 -3.80
C LYS C 203 26.63 3.21 -3.94
N SER C 204 26.65 2.34 -2.96
CA SER C 204 27.54 1.14 -2.99
C SER C 204 26.99 0.00 -3.88
N ALA C 205 27.90 -0.80 -4.40
CA ALA C 205 27.55 -2.03 -5.14
C ALA C 205 26.78 -2.98 -4.25
N ASP C 206 27.06 -2.94 -2.96
CA ASP C 206 26.39 -3.78 -2.00
C ASP C 206 26.11 -2.99 -0.72
N PRO C 207 24.98 -2.26 -0.67
CA PRO C 207 24.66 -1.38 0.44
C PRO C 207 24.68 -2.11 1.76
N THR C 208 24.12 -3.30 1.79
CA THR C 208 24.04 -4.07 3.03
C THR C 208 25.42 -4.37 3.61
N LYS C 209 26.33 -4.79 2.76
CA LYS C 209 27.68 -5.09 3.22
C LYS C 209 28.43 -3.80 3.58
N SER C 210 28.33 -2.77 2.77
CA SER C 210 28.93 -1.47 3.15
C SER C 210 28.49 -0.99 4.54
N LEU C 211 27.20 -1.13 4.81
CA LEU C 211 26.70 -0.69 6.13
C LEU C 211 27.27 -1.57 7.26
N ASN C 212 27.26 -2.86 7.05
CA ASN C 212 27.88 -3.77 8.01
C ASN C 212 29.35 -3.45 8.29
N SER C 213 30.10 -3.06 7.28
CA SER C 213 31.46 -2.62 7.53
C SER C 213 31.60 -1.44 8.46
N LEU C 214 30.62 -0.57 8.43
CA LEU C 214 30.62 0.61 9.27
C LEU C 214 30.28 0.28 10.72
N ILE C 215 29.35 -0.61 10.93
CA ILE C 215 28.87 -0.88 12.28
C ILE C 215 29.35 -2.19 12.89
N GLU C 216 30.56 -2.63 12.51
CA GLU C 216 31.22 -3.86 13.02
C GLU C 216 32.74 -3.69 13.19
N MET D 3 16.56 -21.97 17.04
CA MET D 3 16.43 -23.47 16.93
C MET D 3 14.99 -24.04 17.01
N TYR D 4 14.05 -23.33 17.61
CA TYR D 4 12.62 -23.65 17.54
C TYR D 4 11.84 -22.69 16.67
N THR D 5 10.66 -23.13 16.26
CA THR D 5 9.76 -22.33 15.43
C THR D 5 8.40 -22.11 16.10
N ALA D 6 7.94 -20.88 16.09
CA ALA D 6 6.61 -20.53 16.53
C ALA D 6 5.84 -19.87 15.39
N ILE D 7 4.69 -20.46 15.06
CA ILE D 7 3.81 -19.96 14.05
C ILE D 7 2.52 -19.43 14.62
N VAL D 8 2.26 -18.18 14.35
CA VAL D 8 1.05 -17.54 14.78
C VAL D 8 0.10 -17.49 13.57
N ASN D 9 -0.98 -18.28 13.66
CA ASN D 9 -1.93 -18.41 12.60
C ASN D 9 -3.10 -17.46 12.86
N LEU D 10 -3.24 -16.44 12.03
CA LEU D 10 -4.28 -15.42 12.22
C LEU D 10 -5.64 -15.84 11.69
N LYS D 11 -5.64 -16.96 10.96
CA LYS D 11 -6.85 -17.51 10.36
C LYS D 11 -7.62 -16.37 9.68
N THR D 12 -8.94 -16.32 9.88
CA THR D 12 -9.72 -15.19 9.36
C THR D 12 -10.39 -14.46 10.54
N TYR D 13 -9.64 -14.33 11.62
CA TYR D 13 -10.14 -13.70 12.82
C TYR D 13 -10.27 -12.18 12.56
N ARG D 14 -11.39 -11.64 13.01
CA ARG D 14 -11.69 -10.24 12.79
C ARG D 14 -10.60 -9.29 13.33
N GLU D 15 -10.02 -9.63 14.49
CA GLU D 15 -9.03 -8.77 15.14
C GLU D 15 -7.78 -8.62 14.31
N ALA D 16 -7.49 -9.58 13.45
CA ALA D 16 -6.18 -9.60 12.78
C ALA D 16 -6.25 -9.69 11.26
N THR D 17 -7.40 -9.35 10.70
CA THR D 17 -7.60 -9.35 9.27
C THR D 17 -8.20 -8.03 8.75
N GLY D 18 -8.04 -7.80 7.45
CA GLY D 18 -8.58 -6.62 6.78
C GLY D 18 -7.90 -5.34 7.23
N ALA D 19 -8.72 -4.35 7.58
CA ALA D 19 -8.21 -3.07 8.10
C ALA D 19 -7.49 -3.27 9.43
N ASN D 20 -7.91 -4.30 10.15
CA ASN D 20 -7.29 -4.62 11.44
C ASN D 20 -5.91 -5.29 11.38
N PHE D 21 -5.54 -5.79 10.21
CA PHE D 21 -4.27 -6.47 10.12
C PHE D 21 -3.11 -5.59 10.58
N THR D 22 -3.02 -4.40 10.01
CA THR D 22 -1.87 -3.53 10.28
C THR D 22 -1.86 -3.13 11.75
N ARG D 23 -3.00 -2.74 12.26
CA ARG D 23 -3.13 -2.37 13.68
C ARG D 23 -2.72 -3.50 14.60
N PHE D 24 -3.17 -4.71 14.28
CA PHE D 24 -2.82 -5.91 15.05
C PHE D 24 -1.30 -6.16 15.06
N MET D 25 -0.67 -6.12 13.91
CA MET D 25 0.78 -6.37 13.80
C MET D 25 1.62 -5.25 14.44
N GLU D 26 1.11 -4.04 14.35
CA GLU D 26 1.82 -2.85 14.84
C GLU D 26 2.25 -3.05 16.29
N LYS D 27 1.48 -3.83 17.05
CA LYS D 27 1.77 -4.07 18.45
C LYS D 27 2.86 -5.06 18.79
N PHE D 28 3.38 -5.78 17.80
CA PHE D 28 4.42 -6.75 18.02
C PHE D 28 5.78 -6.20 17.69
N GLU D 29 6.79 -6.76 18.33
CA GLU D 29 8.18 -6.41 18.06
C GLU D 29 8.93 -7.69 17.80
N PRO D 30 10.01 -7.61 17.01
CA PRO D 30 10.76 -8.83 16.76
C PRO D 30 11.24 -9.37 18.06
N VAL D 31 11.62 -10.62 18.02
CA VAL D 31 12.00 -11.31 19.22
C VAL D 31 13.36 -11.94 19.01
N GLN D 32 14.13 -11.91 20.09
CA GLN D 32 15.39 -12.62 20.17
C GLN D 32 15.17 -13.67 21.23
N GLY D 33 15.49 -14.89 20.87
CA GLY D 33 15.25 -16.02 21.74
C GLY D 33 15.45 -17.29 20.94
N LYS D 34 14.98 -18.37 21.51
CA LYS D 34 15.16 -19.67 20.87
C LYS D 34 14.17 -19.87 19.74
N PHE D 35 13.12 -19.04 19.69
CA PHE D 35 12.06 -19.23 18.69
C PHE D 35 12.16 -18.36 17.44
N GLU D 36 12.25 -18.98 16.27
CA GLU D 36 11.97 -18.23 15.03
C GLU D 36 10.45 -17.97 14.94
N LEU D 37 10.08 -16.71 14.87
CA LEU D 37 8.70 -16.27 14.82
C LEU D 37 8.18 -16.07 13.38
N ILE D 38 7.06 -16.73 13.07
CA ILE D 38 6.40 -16.66 11.75
C ILE D 38 4.94 -16.32 11.97
N PHE D 39 4.41 -15.35 11.22
CA PHE D 39 2.99 -15.10 11.24
C PHE D 39 2.35 -15.58 9.95
N SER D 40 1.10 -15.99 10.04
CA SER D 40 0.36 -16.47 8.86
C SER D 40 -0.89 -15.67 8.67
N PRO D 41 -0.81 -14.67 7.80
CA PRO D 41 -1.97 -13.84 7.55
C PRO D 41 -2.97 -14.48 6.64
N SER D 42 -4.17 -13.91 6.62
CA SER D 42 -5.24 -14.39 5.73
C SER D 42 -4.83 -14.13 4.29
N LEU D 43 -5.37 -14.92 3.36
CA LEU D 43 -4.96 -14.79 1.94
C LEU D 43 -5.23 -13.36 1.40
N LEU D 44 -6.32 -12.75 1.80
CA LEU D 44 -6.64 -11.37 1.36
C LEU D 44 -5.66 -10.27 1.89
N ASP D 45 -4.88 -10.59 2.91
CA ASP D 45 -3.94 -9.68 3.60
C ASP D 45 -2.54 -9.99 3.26
N LEU D 46 -2.32 -11.04 2.51
CA LEU D 46 -0.98 -11.51 2.30
C LEU D 46 -0.03 -10.56 1.54
N GLU D 47 -0.54 -9.94 0.50
CA GLU D 47 0.33 -9.06 -0.33
C GLU D 47 0.76 -7.82 0.54
N LYS D 48 -0.20 -7.26 1.25
CA LYS D 48 0.05 -6.25 2.29
C LYS D 48 1.18 -6.70 3.24
N ALA D 49 1.02 -7.87 3.81
CA ALA D 49 2.00 -8.39 4.76
C ALA D 49 3.34 -8.51 4.13
N ALA D 50 3.37 -9.07 2.94
CA ALA D 50 4.64 -9.27 2.23
C ALA D 50 5.39 -7.94 1.95
N LYS D 51 4.62 -6.89 1.70
CA LYS D 51 5.17 -5.57 1.39
C LYS D 51 6.01 -5.07 2.56
N CYS D 52 5.44 -5.18 3.74
CA CYS D 52 6.13 -4.81 4.94
C CYS D 52 7.40 -5.68 5.20
N GLY D 53 7.19 -6.94 5.57
CA GLY D 53 8.30 -7.83 5.87
C GLY D 53 9.03 -7.58 7.19
N LYS D 54 8.37 -6.87 8.10
CA LYS D 54 8.88 -6.75 9.49
C LYS D 54 8.98 -8.09 10.25
N PHE D 55 8.15 -9.05 9.85
CA PHE D 55 8.30 -10.44 10.32
C PHE D 55 8.37 -11.33 9.12
N ARG D 56 8.70 -12.58 9.38
CA ARG D 56 8.57 -13.58 8.38
C ARG D 56 7.06 -14.02 8.27
N PHE D 57 6.51 -13.94 7.06
CA PHE D 57 5.10 -14.32 6.80
C PHE D 57 4.97 -15.54 5.92
N PHE D 58 4.13 -16.48 6.34
CA PHE D 58 3.76 -17.68 5.55
C PHE D 58 2.31 -17.57 5.20
N ALA D 59 1.97 -18.02 4.01
CA ALA D 59 0.54 -18.12 3.62
C ALA D 59 -0.22 -19.20 4.42
N GLN D 60 -1.53 -19.12 4.39
CA GLN D 60 -2.38 -20.09 5.11
C GLN D 60 -2.71 -21.32 4.29
N HIS D 61 -2.47 -21.18 2.99
CA HIS D 61 -2.73 -22.20 1.98
C HIS D 61 -2.02 -21.75 0.69
N VAL D 62 -1.65 -22.70 -0.16
CA VAL D 62 -1.00 -22.37 -1.44
C VAL D 62 -1.35 -23.41 -2.49
N ASP D 63 -1.52 -22.93 -3.72
CA ASP D 63 -1.80 -23.76 -4.89
C ASP D 63 -0.51 -23.99 -5.75
N ALA D 64 -0.37 -25.20 -6.27
CA ALA D 64 0.78 -25.56 -7.11
C ALA D 64 0.73 -25.02 -8.56
N GLU D 65 -0.46 -24.70 -9.03
CA GLU D 65 -0.62 -24.27 -10.41
C GLU D 65 0.23 -23.02 -10.69
N PRO D 66 0.86 -22.95 -11.87
CA PRO D 66 1.68 -21.77 -12.23
C PRO D 66 0.84 -20.54 -12.53
N TYR D 67 1.49 -19.42 -12.86
CA TYR D 67 0.78 -18.29 -13.45
C TYR D 67 0.05 -18.81 -14.66
N GLY D 68 -1.14 -18.31 -14.90
CA GLY D 68 -1.90 -18.66 -16.08
C GLY D 68 -3.42 -18.62 -15.86
N ALA D 69 -4.10 -19.55 -16.50
CA ALA D 69 -5.57 -19.57 -16.53
C ALA D 69 -6.10 -20.37 -15.34
N TYR D 70 -5.90 -19.83 -14.14
CA TYR D 70 -6.35 -20.52 -12.94
C TYR D 70 -7.19 -19.60 -12.05
N THR D 71 -8.37 -19.32 -12.54
CA THR D 71 -9.33 -18.51 -11.79
C THR D 71 -9.43 -18.99 -10.35
N GLY D 72 -9.29 -18.04 -9.42
CA GLY D 72 -9.55 -18.30 -8.01
C GLY D 72 -8.47 -19.04 -7.27
N HIS D 73 -7.30 -19.10 -7.88
CA HIS D 73 -6.14 -19.75 -7.26
C HIS D 73 -5.18 -18.71 -6.63
N VAL D 74 -4.34 -19.23 -5.76
CA VAL D 74 -3.29 -18.48 -5.10
C VAL D 74 -1.95 -19.17 -5.35
N PRO D 75 -1.38 -18.99 -6.56
CA PRO D 75 -0.22 -19.75 -6.98
C PRO D 75 1.04 -19.50 -6.16
N MET D 76 1.79 -20.55 -5.96
CA MET D 76 3.05 -20.51 -5.29
C MET D 76 4.02 -19.51 -5.99
N ASP D 77 3.99 -19.49 -7.31
CA ASP D 77 4.93 -18.61 -8.05
C ASP D 77 4.60 -17.14 -7.83
N MET D 78 3.32 -16.83 -7.68
CA MET D 78 2.89 -15.48 -7.42
C MET D 78 3.31 -15.08 -6.00
N MET D 79 3.15 -16.00 -5.07
CA MET D 79 3.60 -15.75 -3.69
C MET D 79 5.11 -15.46 -3.65
N ILE D 80 5.88 -16.29 -4.35
CA ILE D 80 7.35 -16.15 -4.37
C ILE D 80 7.74 -14.77 -4.93
N ASP D 81 7.09 -14.34 -6.00
CA ASP D 81 7.33 -13.00 -6.56
C ASP D 81 6.97 -11.88 -5.60
N LEU D 82 5.98 -12.09 -4.73
CA LEU D 82 5.62 -11.06 -3.73
C LEU D 82 6.56 -11.07 -2.53
N GLY D 83 7.46 -12.03 -2.49
CA GLY D 83 8.34 -12.19 -1.33
C GLY D 83 7.87 -13.12 -0.20
N ILE D 84 6.80 -13.88 -0.41
CA ILE D 84 6.38 -14.92 0.56
C ILE D 84 7.16 -16.22 0.35
N THR D 85 7.77 -16.74 1.41
CA THR D 85 8.75 -17.83 1.29
C THR D 85 8.24 -19.17 1.83
N GLY D 86 6.98 -19.20 2.28
CA GLY D 86 6.37 -20.44 2.71
C GLY D 86 4.89 -20.40 2.95
N SER D 87 4.33 -21.58 3.24
CA SER D 87 2.91 -21.69 3.46
C SER D 87 2.56 -22.85 4.35
N ILE D 88 1.48 -22.68 5.09
CA ILE D 88 0.80 -23.78 5.75
C ILE D 88 0.03 -24.54 4.67
N LEU D 89 -0.10 -25.85 4.82
CA LEU D 89 -0.85 -26.67 3.88
C LEU D 89 -1.62 -27.78 4.58
N ASN D 90 -2.81 -28.07 4.09
CA ASN D 90 -3.64 -29.12 4.68
C ASN D 90 -4.06 -28.88 6.14
N HIS D 91 -4.25 -27.61 6.53
CA HIS D 91 -4.83 -27.31 7.84
C HIS D 91 -6.16 -28.07 7.97
N SER D 92 -6.57 -28.38 9.20
CA SER D 92 -7.87 -29.06 9.45
C SER D 92 -9.02 -28.27 8.87
N GLU D 93 -8.92 -26.96 8.87
CA GLU D 93 -9.97 -26.11 8.27
C GLU D 93 -9.90 -26.02 6.74
N ARG D 94 -8.80 -26.49 6.15
CA ARG D 94 -8.53 -26.35 4.71
C ARG D 94 -7.87 -27.65 4.16
N ARG D 95 -8.56 -28.78 4.38
CA ARG D 95 -8.00 -30.09 4.05
C ARG D 95 -8.01 -30.30 2.55
N LEU D 96 -7.02 -31.03 2.06
CA LEU D 96 -6.87 -31.23 0.64
C LEU D 96 -6.76 -32.74 0.31
N PRO D 97 -7.12 -33.15 -0.93
CA PRO D 97 -6.80 -34.52 -1.42
C PRO D 97 -5.32 -34.79 -1.43
N ARG D 98 -4.97 -36.05 -1.22
CA ARG D 98 -3.56 -36.42 -1.03
C ARG D 98 -2.72 -36.21 -2.25
N ASP D 99 -3.30 -36.40 -3.42
CA ASP D 99 -2.53 -36.19 -4.67
C ASP D 99 -2.19 -34.71 -4.85
N THR D 100 -3.14 -33.84 -4.48
CA THR D 100 -2.87 -32.37 -4.54
C THR D 100 -1.73 -32.01 -3.61
N ILE D 101 -1.77 -32.57 -2.41
CA ILE D 101 -0.72 -32.29 -1.42
C ILE D 101 0.62 -32.73 -1.95
N ILE D 102 0.65 -33.95 -2.49
CA ILE D 102 1.92 -34.55 -2.95
C ILE D 102 2.51 -33.69 -4.08
N ASN D 103 1.65 -33.31 -5.02
CA ASN D 103 2.04 -32.44 -6.13
C ASN D 103 2.57 -31.11 -5.64
N THR D 104 1.94 -30.58 -4.60
CA THR D 104 2.40 -29.28 -4.06
C THR D 104 3.76 -29.39 -3.34
N LEU D 105 3.94 -30.42 -2.55
CA LEU D 105 5.23 -30.66 -1.90
C LEU D 105 6.35 -30.79 -2.96
N LYS D 106 6.05 -31.58 -3.99
CA LYS D 106 7.03 -31.85 -5.06
C LYS D 106 7.41 -30.53 -5.68
N LYS D 107 6.44 -29.70 -6.03
CA LYS D 107 6.75 -28.38 -6.53
C LYS D 107 7.54 -27.47 -5.55
N ALA D 108 7.14 -27.47 -4.29
CA ALA D 108 7.85 -26.61 -3.32
C ALA D 108 9.28 -27.07 -3.11
N SER D 109 9.49 -28.37 -3.21
CA SER D 109 10.83 -28.93 -2.96
C SER D 109 11.82 -28.49 -4.04
N LYS D 110 11.32 -28.15 -5.23
CA LYS D 110 12.15 -27.62 -6.31
C LYS D 110 12.45 -26.13 -6.15
N LEU D 111 11.59 -25.40 -5.46
CA LEU D 111 11.64 -23.94 -5.43
C LEU D 111 12.07 -23.28 -4.14
N ASP D 112 12.63 -24.03 -3.21
CA ASP D 112 13.09 -23.42 -1.94
C ASP D 112 11.95 -22.61 -1.27
N PHE D 113 10.75 -23.16 -1.36
CA PHE D 113 9.57 -22.58 -0.74
C PHE D 113 9.25 -23.56 0.39
N THR D 114 9.06 -23.04 1.59
CA THR D 114 8.81 -23.91 2.77
C THR D 114 7.34 -24.27 2.97
N ILE D 115 7.09 -25.55 3.15
CA ILE D 115 5.78 -26.05 3.45
C ILE D 115 5.70 -26.58 4.87
N VAL D 116 4.66 -26.12 5.56
CA VAL D 116 4.30 -26.59 6.89
C VAL D 116 3.07 -27.44 6.70
N LEU D 117 3.29 -28.76 6.65
CA LEU D 117 2.21 -29.71 6.38
C LEU D 117 1.47 -30.15 7.66
N CYS D 118 0.20 -29.73 7.78
CA CYS D 118 -0.59 -30.16 8.89
C CYS D 118 -1.07 -31.60 8.75
N VAL D 119 -1.09 -32.30 9.87
CA VAL D 119 -1.71 -33.63 9.93
C VAL D 119 -2.56 -33.78 11.21
N GLU D 120 -3.49 -34.74 11.17
CA GLU D 120 -4.48 -34.96 12.21
C GLU D 120 -4.23 -36.16 13.11
N ASN D 121 -3.25 -36.96 12.73
CA ASN D 121 -2.90 -38.21 13.41
C ASN D 121 -1.61 -38.78 12.91
N ALA D 122 -1.13 -39.81 13.60
CA ALA D 122 0.20 -40.36 13.33
C ALA D 122 0.27 -41.13 12.00
N GLU D 123 -0.79 -41.82 11.68
CA GLU D 123 -0.81 -42.61 10.43
C GLU D 123 -0.71 -41.67 9.21
N GLU D 124 -1.37 -40.51 9.29
CA GLU D 124 -1.29 -39.52 8.24
C GLU D 124 0.12 -38.93 8.18
N ALA D 125 0.70 -38.73 9.34
CA ALA D 125 2.09 -38.25 9.44
C ALA D 125 3.05 -39.22 8.74
N LYS D 126 2.85 -40.50 9.00
CA LYS D 126 3.68 -41.51 8.32
C LYS D 126 3.45 -41.54 6.80
N TYR D 127 2.18 -41.53 6.39
CA TYR D 127 1.82 -41.50 4.94
C TYR D 127 2.67 -40.51 4.15
N PHE D 128 2.95 -39.36 4.76
CA PHE D 128 3.59 -38.26 4.04
C PHE D 128 5.08 -38.24 4.15
N ARG D 129 5.60 -39.09 4.99
CA ARG D 129 7.04 -39.05 5.32
C ARG D 129 8.00 -39.12 4.09
N GLU D 130 7.69 -40.03 3.17
CA GLU D 130 8.50 -40.21 1.95
C GLU D 130 8.52 -39.00 1.01
N TYR D 131 7.56 -38.09 1.15
CA TYR D 131 7.59 -36.83 0.35
C TYR D 131 8.36 -35.70 1.01
N GLU D 132 8.89 -35.95 2.21
CA GLU D 132 9.87 -35.04 2.85
C GLU D 132 9.40 -33.57 3.06
N PRO D 133 8.30 -33.38 3.75
CA PRO D 133 7.87 -32.03 4.07
C PRO D 133 8.85 -31.35 4.98
N ASP D 134 9.00 -30.06 4.84
CA ASP D 134 9.95 -29.30 5.68
C ASP D 134 9.52 -29.25 7.15
N PHE D 135 8.23 -29.04 7.38
CA PHE D 135 7.66 -29.19 8.69
C PHE D 135 6.46 -30.07 8.63
N ILE D 136 6.27 -30.82 9.69
CA ILE D 136 5.03 -31.49 9.95
C ILE D 136 4.40 -30.81 11.17
N ALA D 137 3.12 -30.47 11.07
CA ALA D 137 2.39 -29.81 12.14
C ALA D 137 1.26 -30.70 12.64
N TYR D 138 1.46 -31.28 13.80
CA TYR D 138 0.43 -32.15 14.32
C TYR D 138 -0.58 -31.29 15.05
N GLU D 139 -1.82 -31.31 14.57
CA GLU D 139 -2.92 -30.62 15.24
C GLU D 139 -4.15 -31.52 15.24
N PRO D 140 -4.53 -32.01 16.42
CA PRO D 140 -5.72 -32.82 16.48
C PRO D 140 -6.96 -31.97 16.30
N ARG D 141 -7.79 -32.38 15.38
CA ARG D 141 -8.90 -31.60 14.86
C ARG D 141 -9.89 -31.10 15.94
N ASP D 142 -10.18 -31.96 16.87
CA ASP D 142 -11.20 -31.68 17.89
C ASP D 142 -10.75 -30.72 19.00
N LEU D 143 -9.45 -30.51 19.14
CA LEU D 143 -8.88 -29.60 20.17
C LEU D 143 -8.64 -28.17 19.70
N ILE D 144 -8.65 -27.98 18.39
CA ILE D 144 -8.41 -26.67 17.81
C ILE D 144 -9.43 -25.66 18.33
N GLY D 145 -8.98 -24.54 18.83
CA GLY D 145 -9.87 -23.48 19.34
C GLY D 145 -10.29 -23.69 20.82
N GLY D 146 -9.91 -24.82 21.40
CA GLY D 146 -10.30 -25.16 22.75
C GLY D 146 -9.29 -24.71 23.78
N ASP D 147 -9.57 -25.06 25.01
CA ASP D 147 -8.70 -24.66 26.12
C ASP D 147 -7.84 -25.79 26.67
N VAL D 148 -7.80 -26.90 25.95
CA VAL D 148 -6.93 -28.02 26.31
C VAL D 148 -5.81 -28.16 25.30
N SER D 149 -4.60 -28.08 25.81
CA SER D 149 -3.40 -28.15 24.99
C SER D 149 -3.23 -29.50 24.35
N VAL D 150 -2.74 -29.49 23.11
CA VAL D 150 -2.27 -30.75 22.47
C VAL D 150 -1.25 -31.51 23.30
N SER D 151 -0.36 -30.79 23.96
CA SER D 151 0.64 -31.45 24.82
C SER D 151 0.02 -32.12 26.11
N THR D 152 -1.03 -31.52 26.65
CA THR D 152 -1.83 -32.11 27.76
C THR D 152 -2.66 -33.32 27.31
N ALA D 153 -3.29 -33.20 26.15
CA ALA D 153 -4.30 -34.17 25.74
C ALA D 153 -3.73 -35.32 24.93
N LYS D 154 -2.65 -35.07 24.19
CA LYS D 154 -2.11 -36.09 23.26
C LYS D 154 -0.62 -36.33 23.36
N PRO D 155 -0.11 -36.47 24.57
CA PRO D 155 1.36 -36.50 24.63
C PRO D 155 1.98 -37.68 23.91
N GLU D 156 1.30 -38.81 23.89
CA GLU D 156 1.84 -40.04 23.26
C GLU D 156 1.85 -39.97 21.74
N ILE D 157 0.84 -39.32 21.19
CA ILE D 157 0.75 -39.12 19.73
C ILE D 157 1.90 -38.14 19.30
N ILE D 158 2.21 -37.16 20.15
CA ILE D 158 3.30 -36.22 19.82
C ILE D 158 4.56 -37.04 19.74
N GLU D 159 4.78 -37.86 20.75
CA GLU D 159 5.98 -38.73 20.78
C GLU D 159 6.05 -39.67 19.57
N ASP D 160 4.92 -40.28 19.23
CA ASP D 160 4.82 -41.15 18.04
C ASP D 160 5.23 -40.41 16.76
N ILE D 161 4.74 -39.18 16.59
CA ILE D 161 5.03 -38.43 15.34
C ILE D 161 6.51 -38.03 15.28
N VAL D 162 7.04 -37.59 16.41
CA VAL D 162 8.44 -37.20 16.51
C VAL D 162 9.32 -38.39 16.13
N LYS D 163 8.96 -39.55 16.68
CA LYS D 163 9.65 -40.81 16.37
C LYS D 163 9.62 -41.10 14.86
N ILE D 164 8.44 -41.02 14.26
CA ILE D 164 8.31 -41.20 12.82
C ILE D 164 9.32 -40.37 12.04
N TYR D 165 9.57 -39.15 12.48
CA TYR D 165 10.42 -38.21 11.70
C TYR D 165 11.85 -38.09 12.17
N GLU D 166 12.16 -38.86 13.19
CA GLU D 166 13.48 -38.84 13.78
C GLU D 166 14.55 -39.12 12.73
N GLY D 167 15.60 -38.32 12.76
CA GLY D 167 16.70 -38.41 11.77
C GLY D 167 16.40 -38.01 10.33
N THR D 168 15.21 -37.45 10.06
CA THR D 168 14.89 -36.93 8.73
C THR D 168 15.21 -35.47 8.77
N GLY D 169 15.15 -34.79 7.65
CA GLY D 169 15.23 -33.30 7.64
C GLY D 169 13.94 -32.54 8.09
N THR D 170 12.88 -33.28 8.37
CA THR D 170 11.58 -32.69 8.78
C THR D 170 11.49 -32.34 10.28
N SER D 171 11.19 -31.09 10.58
CA SER D 171 10.92 -30.68 11.96
C SER D 171 9.44 -30.85 12.31
N VAL D 172 9.21 -31.36 13.51
CA VAL D 172 7.84 -31.62 13.98
C VAL D 172 7.36 -30.47 14.86
N LEU D 173 6.23 -29.86 14.49
CA LEU D 173 5.59 -28.84 15.31
C LEU D 173 4.27 -29.38 15.84
N VAL D 174 3.78 -28.79 16.93
CA VAL D 174 2.49 -29.16 17.44
C VAL D 174 1.62 -27.96 17.67
N GLY D 175 0.31 -28.20 17.55
CA GLY D 175 -0.67 -27.15 17.79
C GLY D 175 -2.02 -27.67 18.25
N ALA D 176 -2.84 -26.70 18.66
CA ALA D 176 -4.20 -26.86 19.20
C ALA D 176 -4.23 -26.60 20.72
N GLY D 177 -4.90 -25.50 21.09
CA GLY D 177 -5.21 -25.18 22.49
C GLY D 177 -4.04 -24.76 23.34
N ILE D 178 -2.96 -24.36 22.67
CA ILE D 178 -1.80 -23.83 23.32
C ILE D 178 -2.06 -22.42 23.85
N LYS D 179 -1.97 -22.31 25.17
CA LYS D 179 -2.28 -21.07 25.91
C LYS D 179 -1.14 -20.54 26.77
N THR D 180 -0.34 -21.43 27.36
CA THR D 180 0.69 -21.06 28.31
C THR D 180 2.13 -21.47 27.94
N GLY D 181 3.08 -20.77 28.55
CA GLY D 181 4.50 -21.17 28.58
C GLY D 181 4.69 -22.62 28.99
N GLU D 182 3.89 -23.06 29.96
CA GLU D 182 3.93 -24.49 30.39
C GLU D 182 3.56 -25.48 29.22
N ASP D 183 2.50 -25.17 28.48
CA ASP D 183 2.10 -25.97 27.28
C ASP D 183 3.27 -26.07 26.30
N VAL D 184 3.91 -24.95 26.07
CA VAL D 184 5.05 -24.92 25.17
C VAL D 184 6.21 -25.77 25.69
N ARG D 185 6.60 -25.55 26.96
CA ARG D 185 7.70 -26.35 27.56
C ARG D 185 7.43 -27.86 27.49
N ARG D 186 6.22 -28.22 27.82
CA ARG D 186 5.78 -29.60 27.74
C ARG D 186 5.85 -30.18 26.31
N SER D 187 5.48 -29.39 25.32
CA SER D 187 5.59 -29.79 23.90
C SER D 187 7.05 -30.02 23.47
N ILE D 188 7.91 -29.08 23.81
CA ILE D 188 9.36 -29.21 23.52
C ILE D 188 9.88 -30.45 24.26
N GLY D 189 9.43 -30.62 25.49
CA GLY D 189 9.85 -31.73 26.32
C GLY D 189 9.49 -33.08 25.73
N LEU D 190 8.38 -33.13 25.00
CA LEU D 190 8.01 -34.37 24.33
C LEU D 190 8.72 -34.59 23.00
N GLY D 191 9.65 -33.71 22.64
CA GLY D 191 10.38 -33.83 21.37
C GLY D 191 10.02 -32.87 20.22
N ALA D 192 8.99 -32.09 20.38
CA ALA D 192 8.60 -31.17 19.32
C ALA D 192 9.64 -30.08 19.16
N ARG D 193 9.70 -29.56 17.94
CA ARG D 193 10.62 -28.46 17.61
C ARG D 193 9.93 -27.12 17.53
N GLY D 194 8.68 -27.07 17.94
CA GLY D 194 7.99 -25.80 17.97
C GLY D 194 6.49 -25.97 17.96
N ILE D 195 5.82 -24.84 17.77
CA ILE D 195 4.38 -24.73 18.03
C ILE D 195 3.63 -23.89 17.01
N LEU D 196 2.36 -24.19 16.92
CA LEU D 196 1.41 -23.34 16.24
C LEU D 196 0.35 -22.89 17.19
N VAL D 197 -0.04 -21.63 17.05
CA VAL D 197 -1.00 -21.01 17.96
C VAL D 197 -1.86 -20.00 17.23
N ALA D 198 -3.14 -19.98 17.57
CA ALA D 198 -4.05 -18.99 17.04
C ALA D 198 -4.79 -18.24 18.14
N SER D 199 -5.87 -18.82 18.66
CA SER D 199 -6.78 -18.09 19.57
C SER D 199 -6.06 -17.57 20.84
N GLY D 200 -5.12 -18.34 21.33
CA GLY D 200 -4.34 -18.02 22.53
C GLY D 200 -3.59 -16.71 22.44
N VAL D 201 -3.28 -16.31 21.22
CA VAL D 201 -2.62 -15.07 20.97
C VAL D 201 -3.61 -14.05 20.37
N VAL D 202 -4.29 -14.43 19.30
CA VAL D 202 -5.15 -13.51 18.59
C VAL D 202 -6.31 -12.98 19.43
N LYS D 203 -6.93 -13.85 20.23
CA LYS D 203 -8.08 -13.43 21.04
C LYS D 203 -7.71 -12.91 22.47
N SER D 204 -6.44 -12.69 22.72
CA SER D 204 -6.00 -12.25 24.04
C SER D 204 -6.21 -10.74 24.24
N ALA D 205 -6.34 -10.33 25.49
CA ALA D 205 -6.33 -8.90 25.85
C ALA D 205 -5.06 -8.23 25.43
N ASP D 206 -3.97 -8.98 25.40
CA ASP D 206 -2.72 -8.43 25.03
C ASP D 206 -1.93 -9.46 24.25
N PRO D 207 -2.13 -9.48 22.92
CA PRO D 207 -1.54 -10.49 22.08
C PRO D 207 -0.02 -10.56 22.20
N THR D 208 0.62 -9.40 22.24
CA THR D 208 2.06 -9.32 22.32
C THR D 208 2.60 -10.00 23.59
N LYS D 209 1.99 -9.72 24.73
CA LYS D 209 2.42 -10.31 25.98
C LYS D 209 2.05 -11.82 26.02
N SER D 210 0.88 -12.20 25.54
CA SER D 210 0.52 -13.63 25.45
C SER D 210 1.55 -14.39 24.65
N LEU D 211 1.95 -13.83 23.53
CA LEU D 211 2.95 -14.52 22.71
C LEU D 211 4.30 -14.64 23.43
N ASN D 212 4.73 -13.54 24.04
CA ASN D 212 5.96 -13.59 24.86
C ASN D 212 5.91 -14.63 25.97
N SER D 213 4.78 -14.80 26.62
CA SER D 213 4.64 -15.89 27.60
C SER D 213 4.89 -17.28 27.05
N LEU D 214 4.55 -17.48 25.79
CA LEU D 214 4.68 -18.78 25.14
C LEU D 214 6.14 -19.04 24.81
N ILE D 215 6.84 -18.03 24.34
CA ILE D 215 8.19 -18.26 23.82
C ILE D 215 9.30 -17.76 24.74
N GLU D 216 9.03 -17.81 26.06
CA GLU D 216 9.98 -17.44 27.13
C GLU D 216 9.74 -18.38 28.32
O1 G3P E . -14.22 -16.23 -17.09
C1 G3P E . -14.05 -16.07 -18.51
C2 G3P E . -12.88 -16.91 -18.97
O2 G3P E . -12.98 -18.25 -18.51
C3 G3P E . -12.80 -16.93 -20.52
O1P G3P E . -11.42 -16.98 -20.90
O4P G3P E . -11.61 -15.50 -22.83
O2P G3P E . -9.47 -16.68 -22.27
O3P G3P E . -11.46 -18.01 -23.14
P G3P E . -10.98 -16.78 -22.41
CL CL F . 0.75 -16.11 -17.56
O1 G3P G . -5.88 26.63 -2.53
C1 G3P G . -7.26 26.88 -2.29
C2 G3P G . -7.45 27.33 -0.85
O2 G3P G . -6.42 28.21 -0.43
C3 G3P G . -8.81 28.02 -0.62
O1P G3P G . -9.17 27.79 0.75
O4P G3P G . -11.54 27.36 0.09
O2P G3P G . -10.73 27.09 2.49
O3P G3P G . -10.88 29.40 1.42
P G3P G . -10.69 27.93 1.23
CL CL H . -7.84 19.80 10.68
O1 G3P I . 22.98 13.21 6.65
C1 G3P I . 24.24 12.61 6.39
C2 G3P I . 24.77 12.99 5.04
O2 G3P I . 24.81 14.41 4.86
C3 G3P I . 26.18 12.41 4.83
O1P G3P I . 26.43 12.37 3.43
O4P G3P I . 27.02 11.17 1.43
O2P G3P I . 27.60 10.29 3.72
O3P G3P I . 28.80 12.32 2.90
P G3P I . 27.56 11.45 2.82
CL CL J . 20.66 9.87 -7.54
O1 G3P K . -2.87 -23.47 13.07
C1 G3P K . -2.91 -23.64 14.48
C2 G3P K . -4.32 -23.57 14.98
O2 G3P K . -5.18 -24.54 14.40
C3 G3P K . -4.38 -23.68 16.52
O1P G3P K . -5.58 -23.04 16.96
O4P G3P K . -6.25 -23.90 19.13
O2P G3P K . -4.42 -22.18 18.91
O3P G3P K . -6.79 -21.50 18.43
P G3P K . -5.76 -22.64 18.49
CL CL L . -13.48 -13.46 14.57
#